data_5LTM
#
_entry.id   5LTM
#
_cell.length_a   78.077
_cell.length_b   78.077
_cell.length_c   354.492
_cell.angle_alpha   90.000
_cell.angle_beta   90.000
_cell.angle_gamma   90.000
#
_symmetry.space_group_name_H-M   'P 43 2 2'
#
loop_
_entity.id
_entity.type
_entity.pdbx_description
1 polymer 'phenylalanine ammonia lyase'
2 non-polymer 'HYDROCINNAMIC ACID'
3 water water
#
_entity_poly.entity_id   1
_entity_poly.type   'polypeptide(L)'
_entity_poly.pdbx_seq_one_letter_code
;NVIIGNQKLTINDVARVARNGTLVSLTNNTDILQGIQASCDYINNAVESGEPIFGVTSGFGGMANVAISREQASELQTNL
VWFLKTGAGNKLPLADVRAAMLLRANSHMRGASGIRLELIKRMEIFLNAGVTPYVYEFGSIG(MDO)DLVPLSYITGSLI
GLDPSFKVDFNGKEMDAPTALRQLNLSPLTLLPKEGLAMMNGTSVMTGIAANCVYDTQILTAIAMGVHALDIQALNGTNQ
SFHPFIHNSKPHPGQLWAADQMISLLANSQLVRDELDGKHDYRDHELIQDRYSLRCLPQYLGPIVDGISQIAKQIEIEIN
SVTDNPLIDVDNQASYHGGNFLGQYVGMGMDHLRYYIGLLAKHLDVQIALLASPEFSNGLPPSLLGNRERKVNMGLKGLQ
ICGNSIMPLLTFYGNSIADRFPTHAEQFNQNINSQGYTSATLARRSVDIFQNYVAIALMFGVQAVDLRTYKKTGHYDARA
SLSPATERLYSAVRHVVGQKPTSDRPYIWNDNEQGLDEHIARISADIAAGGVIVQAVQDIL
;
_entity_poly.pdbx_strand_id   B,A
#
loop_
_chem_comp.id
_chem_comp.type
_chem_comp.name
_chem_comp.formula
HCI non-polymer 'HYDROCINNAMIC ACID' 'C9 H10 O2'
#
# COMPACT_ATOMS: atom_id res chain seq x y z
N ASN A 1 -12.63 -21.56 23.23
CA ASN A 1 -11.74 -20.80 24.13
C ASN A 1 -10.36 -20.55 23.56
N VAL A 2 -10.01 -19.27 23.51
CA VAL A 2 -8.70 -18.84 23.04
C VAL A 2 -7.64 -18.95 24.14
N ILE A 3 -6.64 -19.79 23.90
CA ILE A 3 -5.47 -19.86 24.76
C ILE A 3 -4.42 -18.84 24.34
N ILE A 4 -3.97 -18.04 25.29
CA ILE A 4 -3.15 -16.89 24.95
C ILE A 4 -1.68 -17.18 24.68
N GLY A 5 -0.98 -17.80 25.63
CA GLY A 5 0.45 -17.95 25.49
C GLY A 5 1.07 -18.97 24.54
N ASN A 6 0.33 -19.94 24.02
CA ASN A 6 1.01 -21.06 23.36
C ASN A 6 1.16 -20.95 21.85
N GLN A 7 0.07 -20.52 21.20
CA GLN A 7 0.03 -20.23 19.76
C GLN A 7 -0.07 -18.77 19.32
N LYS A 8 0.27 -18.55 18.06
CA LYS A 8 -0.01 -17.32 17.34
C LYS A 8 -1.49 -16.98 17.27
N LEU A 9 -1.83 -15.75 17.64
CA LEU A 9 -3.19 -15.23 17.47
C LEU A 9 -3.47 -14.78 16.02
N THR A 10 -4.66 -15.10 15.52
CA THR A 10 -5.09 -14.59 14.21
C THR A 10 -6.02 -13.40 14.37
N ILE A 11 -6.28 -12.71 13.27
CA ILE A 11 -7.27 -11.65 13.30
C ILE A 11 -8.64 -12.20 13.70
N ASN A 12 -8.95 -13.40 13.23
CA ASN A 12 -10.21 -14.06 13.57
C ASN A 12 -10.31 -14.39 15.06
N ASP A 13 -9.21 -14.82 15.67
CA ASP A 13 -9.16 -15.02 17.11
C ASP A 13 -9.53 -13.76 17.87
N VAL A 14 -8.91 -12.65 17.45
CA VAL A 14 -9.10 -11.37 18.10
C VAL A 14 -10.55 -10.89 17.95
N ALA A 15 -11.16 -11.10 16.80
CA ALA A 15 -12.52 -10.64 16.61
C ALA A 15 -13.51 -11.42 17.48
N ARG A 16 -13.26 -12.72 17.64
CA ARG A 16 -14.10 -13.58 18.46
C ARG A 16 -14.11 -13.17 19.91
N VAL A 17 -12.92 -12.88 20.45
CA VAL A 17 -12.79 -12.41 21.82
C VAL A 17 -13.38 -11.03 21.92
N ALA A 18 -13.08 -10.20 20.92
CA ALA A 18 -13.43 -8.79 20.96
C ALA A 18 -14.92 -8.61 20.91
N ARG A 19 -15.58 -9.34 20.03
CA ARG A 19 -16.99 -9.08 19.71
C ARG A 19 -17.96 -10.12 20.18
N ASN A 20 -17.54 -11.38 20.11
CA ASN A 20 -18.41 -12.50 20.45
C ASN A 20 -18.23 -12.98 21.87
N GLY A 21 -17.37 -12.29 22.62
CA GLY A 21 -17.14 -12.62 24.01
C GLY A 21 -16.63 -14.02 24.28
N THR A 22 -15.96 -14.63 23.30
CA THR A 22 -15.28 -15.91 23.50
C THR A 22 -14.38 -15.83 24.72
N LEU A 23 -14.37 -16.88 25.54
CA LEU A 23 -13.52 -16.89 26.73
C LEU A 23 -12.05 -17.04 26.41
N VAL A 24 -11.22 -16.60 27.35
CA VAL A 24 -9.79 -16.56 27.15
C VAL A 24 -9.14 -17.20 28.35
N SER A 25 -7.98 -17.83 28.18
CA SER A 25 -7.22 -18.25 29.33
C SER A 25 -5.72 -18.23 29.05
N LEU A 26 -4.95 -17.87 30.06
CA LEU A 26 -3.51 -17.90 29.96
C LEU A 26 -3.04 -19.33 29.92
N THR A 27 -2.04 -19.60 29.10
CA THR A 27 -1.43 -20.93 29.07
C THR A 27 -0.89 -21.27 30.44
N ASN A 28 -0.80 -22.56 30.75
CA ASN A 28 -0.15 -22.97 31.98
C ASN A 28 1.18 -23.66 31.72
N ASN A 29 1.64 -23.60 30.46
CA ASN A 29 2.93 -24.12 30.11
C ASN A 29 3.99 -23.60 31.07
N THR A 30 4.77 -24.52 31.60
CA THR A 30 5.62 -24.26 32.74
C THR A 30 6.83 -23.38 32.37
N ASP A 31 7.35 -23.54 31.16
CA ASP A 31 8.48 -22.75 30.68
C ASP A 31 8.10 -21.29 30.38
N ILE A 32 6.91 -21.09 29.81
CA ILE A 32 6.39 -19.75 29.53
C ILE A 32 6.18 -19.00 30.84
N LEU A 33 5.59 -19.65 31.82
CA LEU A 33 5.36 -19.05 33.12
C LEU A 33 6.68 -18.68 33.77
N GLN A 34 7.67 -19.56 33.64
CA GLN A 34 8.98 -19.32 34.23
C GLN A 34 9.68 -18.15 33.56
N GLY A 35 9.52 -18.04 32.25
CA GLY A 35 10.10 -16.93 31.52
C GLY A 35 9.51 -15.63 32.00
N ILE A 36 8.22 -15.65 32.31
CA ILE A 36 7.55 -14.46 32.82
C ILE A 36 8.14 -14.05 34.17
N GLN A 37 8.28 -15.01 35.08
CA GLN A 37 8.85 -14.75 36.38
C GLN A 37 10.34 -14.30 36.31
N ALA A 38 11.13 -14.97 35.47
CA ALA A 38 12.56 -14.67 35.30
C ALA A 38 12.82 -13.22 34.93
N SER A 39 11.93 -12.72 34.09
CA SER A 39 11.91 -11.36 33.59
C SER A 39 11.76 -10.34 34.71
N CYS A 40 10.83 -10.61 35.63
CA CYS A 40 10.63 -9.78 36.83
C CYS A 40 11.83 -9.81 37.79
N ASP A 41 12.41 -11.00 37.99
CA ASP A 41 13.56 -11.14 38.87
C ASP A 41 14.73 -10.33 38.36
N TYR A 42 14.97 -10.38 37.05
CA TYR A 42 16.05 -9.63 36.44
C TYR A 42 15.91 -8.14 36.76
N ILE A 43 14.71 -7.62 36.55
CA ILE A 43 14.41 -6.23 36.84
C ILE A 43 14.59 -5.94 38.32
N ASN A 44 14.14 -6.85 39.17
CA ASN A 44 14.25 -6.65 40.61
C ASN A 44 15.70 -6.52 41.03
N ASN A 45 16.55 -7.41 40.53
CA ASN A 45 17.98 -7.39 40.84
C ASN A 45 18.71 -6.18 40.28
N ALA A 46 18.32 -5.73 39.09
CA ALA A 46 18.93 -4.56 38.46
C ALA A 46 18.63 -3.29 39.25
N VAL A 47 17.38 -3.15 39.66
CA VAL A 47 16.99 -1.98 40.44
C VAL A 47 17.75 -1.93 41.75
N GLU A 48 17.81 -3.07 42.43
CA GLU A 48 18.53 -3.17 43.69
C GLU A 48 20.04 -2.91 43.53
N SER A 49 20.62 -3.37 42.43
CA SER A 49 22.05 -3.15 42.19
C SER A 49 22.35 -1.76 41.66
N GLY A 50 21.32 -0.95 41.46
CA GLY A 50 21.52 0.38 40.93
C GLY A 50 22.08 0.35 39.52
N GLU A 51 21.67 -0.63 38.71
CA GLU A 51 21.99 -0.59 37.29
C GLU A 51 21.10 0.45 36.61
N PRO A 52 21.69 1.23 35.72
CA PRO A 52 20.95 2.35 35.12
C PRO A 52 20.15 1.88 33.92
N ILE A 53 18.84 2.03 34.00
CA ILE A 53 17.92 1.60 32.96
C ILE A 53 16.91 2.71 32.67
N PHE A 54 16.89 3.19 31.45
CA PHE A 54 15.97 4.27 31.10
C PHE A 54 14.51 3.88 31.32
N GLY A 55 13.79 4.71 32.08
CA GLY A 55 12.40 4.47 32.36
C GLY A 55 12.13 3.52 33.51
N VAL A 56 13.19 3.03 34.14
CA VAL A 56 13.04 2.09 35.24
C VAL A 56 13.75 2.63 36.46
N THR A 57 14.98 3.11 36.26
CA THR A 57 15.73 3.75 37.32
C THR A 57 15.99 5.22 36.98
N SER A 58 15.32 5.67 35.92
CA SER A 58 15.41 7.06 35.50
C SER A 58 14.11 7.46 34.81
N GLY A 59 13.98 8.75 34.48
CA GLY A 59 12.78 9.29 33.87
C GLY A 59 12.48 8.84 32.45
N PHE A 60 11.45 9.44 31.87
CA PHE A 60 10.88 8.95 30.62
C PHE A 60 11.15 9.87 29.44
N GLY A 61 11.47 9.27 28.30
CA GLY A 61 11.65 10.00 27.05
C GLY A 61 12.69 11.09 27.13
N GLY A 62 12.27 12.33 26.87
CA GLY A 62 13.16 13.48 26.91
C GLY A 62 13.60 13.88 28.31
N MET A 63 13.01 13.23 29.30
CA MET A 63 13.42 13.42 30.68
C MET A 63 14.03 12.15 31.28
N ALA A 64 14.70 11.37 30.43
CA ALA A 64 15.34 10.13 30.87
C ALA A 64 16.66 10.41 31.59
N ASN A 65 17.08 11.66 31.58
CA ASN A 65 18.28 12.05 32.27
C ASN A 65 18.02 12.21 33.77
N VAL A 66 16.75 12.17 34.15
CA VAL A 66 16.34 12.37 35.53
C VAL A 66 16.52 11.11 36.34
N ALA A 67 17.39 11.15 37.34
CA ALA A 67 17.68 9.97 38.13
C ALA A 67 16.56 9.67 39.12
N ILE A 68 16.27 8.39 39.27
CA ILE A 68 15.22 7.91 40.16
C ILE A 68 15.82 6.92 41.16
N SER A 69 15.63 7.19 42.45
CA SER A 69 16.15 6.28 43.48
C SER A 69 15.42 4.95 43.54
N ARG A 70 16.01 4.00 44.25
CA ARG A 70 15.40 2.68 44.43
C ARG A 70 14.09 2.79 45.17
N GLU A 71 14.03 3.61 46.21
CA GLU A 71 12.80 3.77 46.98
C GLU A 71 11.69 4.37 46.12
N GLN A 72 12.06 5.19 45.14
CA GLN A 72 11.07 5.81 44.29
C GLN A 72 10.79 5.05 42.98
N ALA A 73 11.42 3.89 42.79
CA ALA A 73 11.33 3.14 41.54
C ALA A 73 9.91 2.62 41.24
N SER A 74 9.22 2.13 42.25
CA SER A 74 7.84 1.69 42.08
C SER A 74 6.93 2.88 41.80
N GLU A 75 7.13 3.95 42.57
CA GLU A 75 6.33 5.17 42.49
C GLU A 75 6.44 5.84 41.11
N LEU A 76 7.55 5.63 40.44
CA LEU A 76 7.78 6.14 39.10
C LEU A 76 6.79 5.52 38.10
N GLN A 77 6.59 4.21 38.19
CA GLN A 77 5.68 3.52 37.31
C GLN A 77 4.23 3.92 37.60
N THR A 78 3.91 4.07 38.88
CA THR A 78 2.56 4.43 39.30
C THR A 78 2.23 5.83 38.83
N ASN A 79 3.20 6.71 38.90
CA ASN A 79 2.97 8.08 38.54
C ASN A 79 2.82 8.22 37.03
N LEU A 80 3.37 7.25 36.33
CA LEU A 80 3.28 7.20 34.88
C LEU A 80 1.81 7.14 34.46
N VAL A 81 1.01 6.40 35.21
CA VAL A 81 -0.42 6.33 34.93
C VAL A 81 -1.06 7.70 35.08
N TRP A 82 -0.70 8.41 36.14
CA TRP A 82 -1.28 9.72 36.41
C TRP A 82 -0.98 10.78 35.35
N PHE A 83 0.26 10.92 34.91
CA PHE A 83 0.56 12.05 34.04
C PHE A 83 0.21 11.73 32.59
N LEU A 84 -0.14 10.47 32.34
CA LEU A 84 -0.70 10.05 31.07
C LEU A 84 -2.24 10.12 31.04
N LYS A 85 -2.86 10.44 32.19
CA LYS A 85 -4.33 10.51 32.26
C LYS A 85 -4.82 11.80 31.63
N THR A 86 -4.70 11.84 30.31
CA THR A 86 -4.78 13.09 29.55
C THR A 86 -5.57 12.89 28.25
N GLY A 87 -6.26 11.77 28.13
CA GLY A 87 -7.05 11.47 26.95
C GLY A 87 -8.18 12.46 26.71
N ALA A 88 -8.66 12.52 25.48
CA ALA A 88 -9.75 13.43 25.14
C ALA A 88 -10.62 12.89 24.00
N GLY A 89 -11.78 13.51 23.81
CA GLY A 89 -12.69 13.14 22.74
C GLY A 89 -13.65 12.05 23.17
N ASN A 90 -14.28 11.39 22.19
CA ASN A 90 -15.15 10.27 22.49
C ASN A 90 -14.40 9.00 22.87
N LYS A 91 -15.16 8.07 23.42
CA LYS A 91 -14.73 6.74 23.84
C LYS A 91 -14.50 5.80 22.67
N LEU A 92 -13.59 4.86 22.82
CA LEU A 92 -13.49 3.77 21.86
C LEU A 92 -14.66 2.81 22.03
N PRO A 93 -15.04 2.13 20.95
CA PRO A 93 -15.92 0.97 21.07
C PRO A 93 -15.30 -0.03 22.03
N LEU A 94 -16.11 -0.64 22.88
CA LEU A 94 -15.61 -1.57 23.88
C LEU A 94 -14.85 -2.73 23.23
N ALA A 95 -15.37 -3.20 22.09
CA ALA A 95 -14.76 -4.31 21.36
C ALA A 95 -13.29 -4.03 21.02
N ASP A 96 -12.99 -2.77 20.75
CA ASP A 96 -11.63 -2.35 20.47
C ASP A 96 -10.75 -2.40 21.72
N VAL A 97 -11.32 -2.08 22.87
CA VAL A 97 -10.58 -2.10 24.12
C VAL A 97 -10.31 -3.53 24.57
N ARG A 98 -11.31 -4.39 24.35
CA ARG A 98 -11.18 -5.82 24.61
C ARG A 98 -10.07 -6.41 23.77
N ALA A 99 -10.04 -6.02 22.50
CA ALA A 99 -8.99 -6.44 21.60
C ALA A 99 -7.63 -5.97 22.11
N ALA A 100 -7.58 -4.73 22.60
CA ALA A 100 -6.37 -4.14 23.13
C ALA A 100 -5.87 -4.98 24.30
N MET A 101 -6.77 -5.34 25.22
CA MET A 101 -6.37 -6.11 26.39
C MET A 101 -5.87 -7.49 26.02
N LEU A 102 -6.50 -8.11 25.03
CA LEU A 102 -6.09 -9.44 24.57
C LEU A 102 -4.67 -9.39 24.00
N LEU A 103 -4.37 -8.36 23.23
CA LEU A 103 -3.04 -8.22 22.62
C LEU A 103 -1.98 -7.91 23.65
N ARG A 104 -2.32 -7.05 24.62
CA ARG A 104 -1.38 -6.67 25.65
C ARG A 104 -0.99 -7.90 26.42
N ALA A 105 -1.99 -8.71 26.76
CA ALA A 105 -1.75 -9.96 27.46
C ALA A 105 -0.86 -10.88 26.64
N ASN A 106 -1.22 -11.09 25.37
CA ASN A 106 -0.43 -11.96 24.50
C ASN A 106 1.03 -11.55 24.47
N SER A 107 1.27 -10.24 24.46
CA SER A 107 2.63 -9.74 24.30
C SER A 107 3.47 -10.01 25.53
N HIS A 108 2.83 -10.01 26.70
CA HIS A 108 3.54 -10.28 27.95
C HIS A 108 4.00 -11.73 28.08
N MET A 109 3.28 -12.65 27.45
CA MET A 109 3.55 -14.09 27.64
C MET A 109 4.91 -14.51 27.13
N ARG A 110 5.54 -13.68 26.30
CA ARG A 110 6.85 -14.03 25.74
C ARG A 110 7.96 -13.90 26.79
N GLY A 111 7.67 -13.21 27.88
CA GLY A 111 8.57 -13.17 29.01
C GLY A 111 9.75 -12.22 28.89
N ALA A 112 9.61 -11.19 28.07
CA ALA A 112 10.70 -10.23 27.88
C ALA A 112 10.36 -8.86 28.47
N SER A 113 9.25 -8.80 29.19
CA SER A 113 8.64 -7.55 29.58
C SER A 113 8.74 -7.24 31.04
N GLY A 114 9.05 -8.21 31.83
CA GLY A 114 9.24 -8.02 33.26
C GLY A 114 8.01 -7.56 34.02
N ILE A 115 6.88 -8.19 33.77
CA ILE A 115 5.64 -7.84 34.45
C ILE A 115 5.09 -9.07 35.19
N ARG A 116 4.46 -8.85 36.35
CA ARG A 116 3.95 -9.94 37.18
C ARG A 116 2.84 -10.70 36.49
N LEU A 117 2.87 -12.02 36.59
CA LEU A 117 1.82 -12.87 36.02
C LEU A 117 0.45 -12.49 36.56
N GLU A 118 0.40 -12.06 37.82
CA GLU A 118 -0.86 -11.66 38.43
C GLU A 118 -1.49 -10.48 37.71
N LEU A 119 -0.65 -9.63 37.13
CA LEU A 119 -1.11 -8.47 36.39
C LEU A 119 -1.56 -8.86 34.97
N ILE A 120 -0.83 -9.76 34.33
CA ILE A 120 -1.28 -10.33 33.07
C ILE A 120 -2.64 -10.97 33.24
N LYS A 121 -2.80 -11.71 34.33
CA LYS A 121 -4.02 -12.46 34.59
C LYS A 121 -5.21 -11.54 34.80
N ARG A 122 -4.94 -10.32 35.23
CA ARG A 122 -6.01 -9.41 35.52
C ARG A 122 -6.74 -9.03 34.23
N MET A 123 -6.00 -9.05 33.11
CA MET A 123 -6.59 -8.81 31.79
C MET A 123 -7.47 -9.97 31.36
N GLU A 124 -7.02 -11.18 31.66
CA GLU A 124 -7.82 -12.35 31.41
C GLU A 124 -9.14 -12.30 32.19
N ILE A 125 -9.09 -11.79 33.42
CA ILE A 125 -10.27 -11.72 34.26
C ILE A 125 -11.23 -10.64 33.79
N PHE A 126 -10.70 -9.48 33.43
CA PHE A 126 -11.54 -8.42 32.89
C PHE A 126 -12.23 -8.85 31.62
N LEU A 127 -11.48 -9.55 30.77
CA LEU A 127 -12.00 -10.00 29.48
C LEU A 127 -13.12 -10.98 29.69
N ASN A 128 -12.90 -11.96 30.56
CA ASN A 128 -13.90 -12.98 30.79
C ASN A 128 -15.06 -12.49 31.64
N ALA A 129 -14.81 -11.51 32.51
CA ALA A 129 -15.90 -10.98 33.34
C ALA A 129 -16.75 -9.97 32.58
N GLY A 130 -16.22 -9.42 31.49
CA GLY A 130 -16.97 -8.43 30.73
C GLY A 130 -16.76 -7.03 31.27
N VAL A 131 -15.61 -6.81 31.88
CA VAL A 131 -15.21 -5.47 32.30
C VAL A 131 -14.35 -4.80 31.24
N THR A 132 -14.81 -3.69 30.71
CA THR A 132 -14.08 -2.97 29.68
C THR A 132 -13.77 -1.56 30.13
N PRO A 133 -12.47 -1.23 30.27
CA PRO A 133 -12.11 0.14 30.66
C PRO A 133 -12.52 1.15 29.60
N TYR A 134 -12.90 2.37 29.99
CA TYR A 134 -13.12 3.43 29.01
C TYR A 134 -11.79 3.93 28.50
N VAL A 135 -11.70 4.20 27.20
CA VAL A 135 -10.49 4.68 26.58
C VAL A 135 -10.85 5.75 25.55
N TYR A 136 -10.22 6.91 25.65
CA TYR A 136 -10.51 8.05 24.79
C TYR A 136 -9.88 7.92 23.40
N GLU A 137 -10.44 8.62 22.42
CA GLU A 137 -9.95 8.54 21.04
C GLU A 137 -8.73 9.43 20.75
N PHE A 138 -8.44 10.38 21.63
CA PHE A 138 -7.29 11.27 21.46
C PHE A 138 -6.28 11.02 22.55
N GLY A 139 -5.01 10.99 22.18
CA GLY A 139 -3.97 10.85 23.17
C GLY A 139 -2.73 10.13 22.70
N SER A 140 -2.83 9.40 21.59
CA SER A 140 -1.67 8.64 21.14
C SER A 140 -1.18 9.07 19.76
N ILE A 141 0.15 9.17 19.62
CA ILE A 141 0.77 9.42 18.33
C ILE A 141 1.40 8.14 17.81
N GLY A 142 0.98 7.01 18.35
CA GLY A 142 1.41 5.73 17.84
C GLY A 142 2.88 5.41 17.98
N1 MDO A 143 3.49 5.88 19.07
CA1 MDO A 143 4.81 5.48 19.39
C1 MDO A 143 5.01 5.24 20.88
CB MDO A 143 5.79 6.51 18.88
N2 MDO A 143 6.12 5.68 21.61
CA2 MDO A 143 6.01 5.26 22.94
C2 MDO A 143 4.74 4.46 23.02
O2 MDO A 143 4.27 3.92 24.00
CB2 MDO A 143 6.88 5.49 23.95
N3 MDO A 143 4.14 4.47 21.72
CA3 MDO A 143 2.90 3.88 21.40
C3 MDO A 143 1.79 4.85 21.81
O3 MDO A 143 1.78 5.97 22.36
N ASP A 144 1.06 3.78 22.12
CA ASP A 144 -0.25 3.99 22.78
C ASP A 144 -0.26 4.30 24.29
N LEU A 145 0.69 5.11 24.74
CA LEU A 145 0.87 5.42 26.16
C LEU A 145 -0.40 5.84 26.89
N VAL A 146 -1.03 6.89 26.39
CA VAL A 146 -2.19 7.47 27.04
C VAL A 146 -3.44 6.55 27.03
N PRO A 147 -3.80 5.95 25.87
CA PRO A 147 -4.88 4.96 25.93
C PRO A 147 -4.60 3.82 26.91
N LEU A 148 -3.38 3.30 26.89
CA LEU A 148 -3.03 2.16 27.72
C LEU A 148 -3.04 2.50 29.20
N SER A 149 -2.79 3.76 29.55
CA SER A 149 -2.77 4.15 30.95
C SER A 149 -4.15 4.02 31.57
N TYR A 150 -5.17 4.25 30.75
CA TYR A 150 -6.55 4.11 31.19
C TYR A 150 -6.90 2.64 31.43
N ILE A 151 -6.43 1.77 30.56
CA ILE A 151 -6.59 0.35 30.78
C ILE A 151 -5.82 -0.05 32.03
N THR A 152 -4.63 0.50 32.19
CA THR A 152 -3.78 0.16 33.32
C THR A 152 -4.39 0.61 34.66
N GLY A 153 -4.90 1.83 34.71
CA GLY A 153 -5.42 2.39 35.95
C GLY A 153 -6.70 1.69 36.37
N SER A 154 -7.46 1.23 35.39
CA SER A 154 -8.67 0.47 35.65
C SER A 154 -8.33 -0.92 36.17
N LEU A 155 -7.39 -1.59 35.51
CA LEU A 155 -6.94 -2.91 35.96
C LEU A 155 -6.47 -2.89 37.42
N ILE A 156 -5.65 -1.93 37.80
CA ILE A 156 -5.06 -1.91 39.12
C ILE A 156 -5.93 -1.11 40.11
N GLY A 157 -7.02 -0.57 39.63
CA GLY A 157 -7.95 0.20 40.45
C GLY A 157 -7.27 1.34 41.18
N LEU A 158 -6.59 2.21 40.43
CA LEU A 158 -5.70 3.20 41.03
C LEU A 158 -6.46 4.36 41.65
N ASP A 159 -7.61 4.68 41.07
CA ASP A 159 -8.35 5.85 41.49
C ASP A 159 -9.77 5.69 40.97
N PRO A 160 -10.76 6.26 41.67
CA PRO A 160 -12.16 6.24 41.23
C PRO A 160 -12.48 7.01 39.95
N SER A 161 -11.56 7.84 39.45
CA SER A 161 -11.86 8.59 38.23
C SER A 161 -11.67 7.73 36.98
N PHE A 162 -11.05 6.57 37.14
CA PHE A 162 -10.98 5.57 36.07
C PHE A 162 -12.32 4.85 35.95
N LYS A 163 -12.92 4.87 34.76
CA LYS A 163 -14.24 4.29 34.56
C LYS A 163 -14.18 3.01 33.76
N VAL A 164 -15.08 2.09 34.08
CA VAL A 164 -15.21 0.89 33.28
C VAL A 164 -16.67 0.65 32.92
N ASP A 165 -16.86 -0.18 31.90
CA ASP A 165 -18.16 -0.78 31.60
C ASP A 165 -18.14 -2.20 32.15
N PHE A 166 -19.00 -2.48 33.12
CA PHE A 166 -19.10 -3.83 33.67
C PHE A 166 -20.38 -4.44 33.13
N ASN A 167 -20.28 -5.16 32.01
CA ASN A 167 -21.44 -5.72 31.32
C ASN A 167 -22.58 -4.73 31.14
N GLY A 168 -22.31 -3.59 30.52
CA GLY A 168 -23.36 -2.64 30.21
C GLY A 168 -23.58 -1.62 31.31
N LYS A 169 -22.92 -1.83 32.44
CA LYS A 169 -23.07 -0.96 33.59
C LYS A 169 -21.85 -0.05 33.73
N GLU A 170 -22.03 1.26 33.66
CA GLU A 170 -20.91 2.15 33.93
C GLU A 170 -20.60 2.19 35.42
N MET A 171 -19.34 1.95 35.79
CA MET A 171 -18.95 2.18 37.17
C MET A 171 -17.48 2.51 37.24
N ASP A 172 -17.01 2.91 38.42
CA ASP A 172 -15.60 3.22 38.56
C ASP A 172 -14.84 1.95 38.84
N ALA A 173 -13.55 2.00 38.57
CA ALA A 173 -12.70 0.82 38.59
C ALA A 173 -12.50 0.21 39.98
N PRO A 174 -12.30 1.03 41.03
CA PRO A 174 -12.18 0.38 42.34
C PRO A 174 -13.44 -0.39 42.73
N THR A 175 -14.59 0.11 42.33
CA THR A 175 -15.84 -0.60 42.59
C THR A 175 -15.88 -1.92 41.81
N ALA A 176 -15.35 -1.90 40.59
CA ALA A 176 -15.30 -3.11 39.78
C ALA A 176 -14.39 -4.16 40.39
N LEU A 177 -13.27 -3.72 40.96
CA LEU A 177 -12.36 -4.66 41.65
C LEU A 177 -12.97 -5.29 42.90
N ARG A 178 -13.80 -4.53 43.61
CA ARG A 178 -14.47 -5.06 44.79
C ARG A 178 -15.50 -6.11 44.40
N GLN A 179 -16.21 -5.87 43.29
CA GLN A 179 -17.20 -6.83 42.82
C GLN A 179 -16.55 -8.13 42.35
N LEU A 180 -15.39 -8.02 41.70
CA LEU A 180 -14.66 -9.19 41.24
C LEU A 180 -13.90 -9.86 42.37
N ASN A 181 -14.00 -9.27 43.57
CA ASN A 181 -13.22 -9.71 44.72
C ASN A 181 -11.74 -9.72 44.41
N LEU A 182 -11.25 -8.64 43.81
CA LEU A 182 -9.82 -8.51 43.59
C LEU A 182 -9.29 -7.36 44.42
N SER A 183 -7.98 -7.34 44.61
CA SER A 183 -7.32 -6.28 45.34
C SER A 183 -6.76 -5.25 44.37
N PRO A 184 -6.69 -3.99 44.79
CA PRO A 184 -5.89 -3.00 44.06
C PRO A 184 -4.45 -3.49 43.91
N LEU A 185 -3.82 -3.24 42.76
CA LEU A 185 -2.42 -3.62 42.57
C LEU A 185 -1.54 -2.39 42.58
N THR A 186 -0.30 -2.59 42.98
CA THR A 186 0.68 -1.52 42.95
C THR A 186 1.78 -1.93 41.99
N LEU A 187 2.10 -1.03 41.05
CA LEU A 187 3.06 -1.36 40.01
C LEU A 187 4.46 -1.45 40.58
N LEU A 188 5.21 -2.46 40.13
CA LEU A 188 6.60 -2.59 40.49
C LEU A 188 7.46 -1.95 39.39
N PRO A 189 8.76 -1.73 39.63
CA PRO A 189 9.62 -1.18 38.57
C PRO A 189 9.41 -1.83 37.20
N LYS A 190 9.40 -1.01 36.15
CA LYS A 190 9.25 -1.45 34.75
C LYS A 190 7.81 -1.83 34.36
N GLU A 191 6.98 -2.16 35.35
CA GLU A 191 5.62 -2.67 35.07
C GLU A 191 4.72 -1.65 34.42
N GLY A 192 4.94 -0.38 34.76
CA GLY A 192 4.19 0.69 34.14
C GLY A 192 4.52 0.72 32.66
N LEU A 193 5.80 0.67 32.33
CA LEU A 193 6.19 0.64 30.94
C LEU A 193 5.71 -0.64 30.25
N ALA A 194 5.76 -1.76 30.96
CA ALA A 194 5.24 -3.01 30.41
C ALA A 194 3.78 -2.88 29.99
N MET A 195 2.98 -2.16 30.77
CA MET A 195 1.56 -2.00 30.46
C MET A 195 1.30 -0.93 29.41
N MET A 196 2.10 0.13 29.42
CA MET A 196 1.74 1.34 28.72
C MET A 196 2.57 1.63 27.48
N ASN A 197 3.79 1.12 27.44
CA ASN A 197 4.64 1.27 26.27
C ASN A 197 4.19 0.28 25.20
N GLY A 198 3.75 0.72 24.03
CA GLY A 198 3.37 -0.25 23.02
C GLY A 198 2.18 0.05 22.12
N THR A 199 1.84 -0.90 21.25
CA THR A 199 0.93 -0.68 20.13
C THR A 199 -0.39 -1.41 20.24
N SER A 200 -0.68 -1.97 21.40
CA SER A 200 -1.83 -2.84 21.58
C SER A 200 -3.19 -2.23 21.18
N VAL A 201 -3.39 -0.96 21.44
CA VAL A 201 -4.71 -0.39 21.21
C VAL A 201 -4.87 -0.13 19.72
N MET A 202 -3.88 0.52 19.13
CA MET A 202 -3.96 0.84 17.72
C MET A 202 -4.04 -0.45 16.91
N THR A 203 -3.34 -1.49 17.35
CA THR A 203 -3.34 -2.76 16.64
C THR A 203 -4.67 -3.49 16.86
N GLY A 204 -5.27 -3.29 18.04
CA GLY A 204 -6.55 -3.89 18.33
C GLY A 204 -7.64 -3.29 17.48
N ILE A 205 -7.64 -1.96 17.39
CA ILE A 205 -8.56 -1.25 16.52
C ILE A 205 -8.37 -1.75 15.09
N ALA A 206 -7.10 -1.79 14.65
CA ALA A 206 -6.76 -2.16 13.28
C ALA A 206 -7.18 -3.60 12.96
N ALA A 207 -7.01 -4.50 13.91
CA ALA A 207 -7.41 -5.88 13.71
C ALA A 207 -8.90 -5.97 13.41
N ASN A 208 -9.72 -5.32 14.24
CA ASN A 208 -11.17 -5.31 14.03
C ASN A 208 -11.55 -4.66 12.69
N CYS A 209 -10.80 -3.64 12.28
CA CYS A 209 -11.04 -2.97 11.00
C CYS A 209 -10.78 -3.91 9.82
N VAL A 210 -9.72 -4.70 9.93
CA VAL A 210 -9.35 -5.63 8.87
C VAL A 210 -10.38 -6.74 8.74
N TYR A 211 -10.83 -7.24 9.88
CA TYR A 211 -11.87 -8.26 9.90
C TYR A 211 -13.13 -7.74 9.23
N ASP A 212 -13.52 -6.53 9.60
CA ASP A 212 -14.72 -5.94 9.05
C ASP A 212 -14.61 -5.66 7.56
N THR A 213 -13.41 -5.34 7.09
CA THR A 213 -13.20 -4.98 5.70
C THR A 213 -13.10 -6.21 4.80
N GLN A 214 -12.60 -7.31 5.36
CA GLN A 214 -12.60 -8.56 4.62
C GLN A 214 -14.05 -8.98 4.34
N ILE A 215 -14.89 -8.87 5.35
CA ILE A 215 -16.30 -9.17 5.19
C ILE A 215 -17.02 -8.24 4.21
N LEU A 216 -16.77 -6.95 4.33
CA LEU A 216 -17.37 -5.96 3.43
C LEU A 216 -16.90 -6.16 1.98
N THR A 217 -15.69 -6.64 1.79
CA THR A 217 -15.21 -6.95 0.46
C THR A 217 -15.95 -8.14 -0.14
N ALA A 218 -16.16 -9.19 0.65
CA ALA A 218 -16.91 -10.34 0.19
C ALA A 218 -18.33 -9.92 -0.19
N ILE A 219 -18.95 -9.10 0.64
CA ILE A 219 -20.30 -8.64 0.34
C ILE A 219 -20.32 -7.82 -0.96
N ALA A 220 -19.36 -6.91 -1.10
CA ALA A 220 -19.17 -6.11 -2.32
C ALA A 220 -19.10 -6.97 -3.58
N MET A 221 -18.37 -8.09 -3.50
CA MET A 221 -18.33 -9.02 -4.61
C MET A 221 -19.74 -9.49 -4.98
N GLY A 222 -20.54 -9.81 -3.97
CA GLY A 222 -21.91 -10.23 -4.18
C GLY A 222 -22.74 -9.14 -4.82
N VAL A 223 -22.57 -7.90 -4.37
CA VAL A 223 -23.33 -6.80 -4.94
C VAL A 223 -23.02 -6.67 -6.44
N HIS A 224 -21.75 -6.81 -6.78
CA HIS A 224 -21.33 -6.68 -8.18
C HIS A 224 -21.97 -7.79 -8.99
N ALA A 225 -22.00 -8.99 -8.43
CA ALA A 225 -22.64 -10.14 -9.05
C ALA A 225 -24.12 -9.86 -9.29
N LEU A 226 -24.78 -9.28 -8.30
CA LEU A 226 -26.16 -8.86 -8.46
C LEU A 226 -26.27 -7.76 -9.53
N ASP A 227 -25.33 -6.82 -9.52
CA ASP A 227 -25.40 -5.72 -10.48
C ASP A 227 -25.28 -6.26 -11.91
N ILE A 228 -24.29 -7.12 -12.12
CA ILE A 228 -24.05 -7.73 -13.41
C ILE A 228 -25.28 -8.48 -13.92
N GLN A 229 -25.91 -9.27 -13.05
CA GLN A 229 -27.12 -9.99 -13.41
C GLN A 229 -28.28 -9.04 -13.76
N ALA A 230 -28.37 -7.92 -13.06
CA ALA A 230 -29.47 -7.00 -13.26
C ALA A 230 -29.26 -6.23 -14.55
N LEU A 231 -28.00 -5.99 -14.89
CA LEU A 231 -27.65 -5.28 -16.10
C LEU A 231 -27.64 -6.20 -17.34
N ASN A 232 -27.86 -7.49 -17.11
CA ASN A 232 -27.75 -8.50 -18.17
C ASN A 232 -26.38 -8.43 -18.82
N GLY A 233 -25.35 -8.32 -17.99
CA GLY A 233 -23.98 -8.32 -18.47
C GLY A 233 -23.54 -9.73 -18.77
N THR A 234 -22.42 -9.87 -19.46
CA THR A 234 -21.88 -11.17 -19.80
C THR A 234 -20.91 -11.63 -18.76
N ASN A 235 -20.70 -12.94 -18.71
CA ASN A 235 -19.74 -13.56 -17.81
C ASN A 235 -18.44 -13.81 -18.53
N GLN A 236 -18.39 -13.42 -19.80
CA GLN A 236 -17.22 -13.68 -20.62
C GLN A 236 -16.00 -12.99 -20.01
N SER A 237 -16.24 -11.81 -19.42
CA SER A 237 -15.20 -11.00 -18.80
C SER A 237 -14.34 -11.74 -17.78
N PHE A 238 -14.87 -12.81 -17.17
CA PHE A 238 -14.22 -13.44 -16.03
C PHE A 238 -13.58 -14.77 -16.39
N HIS A 239 -13.57 -15.06 -17.67
CA HIS A 239 -12.99 -16.29 -18.21
C HIS A 239 -11.52 -16.45 -17.83
N PRO A 240 -11.15 -17.61 -17.28
CA PRO A 240 -9.79 -17.91 -16.82
C PRO A 240 -8.69 -17.60 -17.84
N PHE A 241 -8.97 -17.74 -19.12
CA PHE A 241 -7.96 -17.47 -20.14
C PHE A 241 -7.48 -16.02 -20.09
N ILE A 242 -8.41 -15.10 -19.87
CA ILE A 242 -8.05 -13.70 -19.78
C ILE A 242 -7.13 -13.44 -18.60
N HIS A 243 -7.46 -14.01 -17.46
CA HIS A 243 -6.76 -13.66 -16.23
C HIS A 243 -5.49 -14.47 -16.01
N ASN A 244 -5.42 -15.69 -16.54
CA ASN A 244 -4.20 -16.48 -16.46
C ASN A 244 -3.05 -15.83 -17.20
N SER A 245 -3.38 -15.02 -18.21
CA SER A 245 -2.35 -14.36 -18.97
C SER A 245 -1.97 -13.01 -18.36
N LYS A 246 -2.67 -12.62 -17.29
CA LYS A 246 -2.28 -11.45 -16.50
C LYS A 246 -2.41 -11.83 -15.01
N PRO A 247 -1.58 -12.79 -14.57
CA PRO A 247 -1.86 -13.56 -13.36
C PRO A 247 -1.54 -12.87 -12.02
N HIS A 248 -2.06 -11.67 -11.80
CA HIS A 248 -2.01 -11.09 -10.46
C HIS A 248 -2.91 -11.94 -9.56
N PRO A 249 -2.39 -12.35 -8.38
CA PRO A 249 -3.14 -13.22 -7.48
C PRO A 249 -4.53 -12.72 -7.17
N GLY A 250 -4.66 -11.41 -6.93
CA GLY A 250 -5.94 -10.83 -6.59
C GLY A 250 -6.88 -10.74 -7.76
N GLN A 251 -6.34 -10.46 -8.95
CA GLN A 251 -7.15 -10.45 -10.15
C GLN A 251 -7.67 -11.86 -10.46
N LEU A 252 -6.77 -12.83 -10.35
CA LEU A 252 -7.09 -14.24 -10.53
C LEU A 252 -8.22 -14.63 -9.59
N TRP A 253 -8.09 -14.23 -8.34
CA TRP A 253 -9.04 -14.62 -7.31
C TRP A 253 -10.41 -13.99 -7.56
N ALA A 254 -10.41 -12.68 -7.78
CA ALA A 254 -11.66 -11.97 -8.04
C ALA A 254 -12.39 -12.51 -9.28
N ALA A 255 -11.66 -12.82 -10.35
CA ALA A 255 -12.28 -13.37 -11.56
C ALA A 255 -12.88 -14.73 -11.29
N ASP A 256 -12.17 -15.55 -10.53
CA ASP A 256 -12.65 -16.89 -10.24
C ASP A 256 -13.85 -16.87 -9.29
N GLN A 257 -13.84 -15.96 -8.32
CA GLN A 257 -14.97 -15.79 -7.42
C GLN A 257 -16.20 -15.33 -8.18
N MET A 258 -15.98 -14.51 -9.20
CA MET A 258 -17.09 -14.06 -10.03
C MET A 258 -17.72 -15.18 -10.83
N ILE A 259 -16.90 -16.04 -11.41
CA ILE A 259 -17.40 -17.24 -12.08
C ILE A 259 -18.36 -18.01 -11.15
N SER A 260 -17.91 -18.31 -9.93
CA SER A 260 -18.75 -19.02 -8.97
C SER A 260 -20.03 -18.26 -8.64
N LEU A 261 -19.90 -16.95 -8.40
CA LEU A 261 -21.03 -16.13 -8.02
C LEU A 261 -22.08 -16.04 -9.12
N LEU A 262 -21.67 -16.23 -10.36
CA LEU A 262 -22.59 -16.08 -11.47
C LEU A 262 -23.00 -17.43 -12.07
N ALA A 263 -22.42 -18.51 -11.56
CA ALA A 263 -22.65 -19.84 -12.12
C ALA A 263 -24.12 -20.21 -12.04
N ASN A 264 -24.65 -20.73 -13.15
CA ASN A 264 -26.04 -21.13 -13.27
C ASN A 264 -27.02 -20.00 -13.09
N SER A 265 -26.59 -18.76 -13.32
CA SER A 265 -27.53 -17.64 -13.40
C SER A 265 -28.30 -17.70 -14.71
N GLN A 266 -29.57 -17.32 -14.67
CA GLN A 266 -30.36 -17.19 -15.88
C GLN A 266 -30.51 -15.74 -16.27
N LEU A 267 -29.71 -14.87 -15.66
CA LEU A 267 -29.83 -13.44 -15.94
C LEU A 267 -28.59 -12.89 -16.64
N VAL A 268 -27.50 -13.64 -16.64
CA VAL A 268 -26.31 -13.21 -17.38
C VAL A 268 -26.39 -13.67 -18.81
N ARG A 269 -25.66 -12.99 -19.68
CA ARG A 269 -25.34 -13.54 -21.00
C ARG A 269 -24.27 -14.61 -20.76
N ASP A 270 -24.60 -15.86 -21.05
CA ASP A 270 -23.68 -16.97 -20.82
C ASP A 270 -22.80 -17.17 -22.04
N GLU A 271 -21.60 -16.60 -22.02
CA GLU A 271 -20.77 -16.56 -23.22
C GLU A 271 -19.33 -16.98 -22.98
N LEU A 272 -19.14 -17.99 -22.13
CA LEU A 272 -17.81 -18.50 -21.82
C LEU A 272 -17.18 -19.30 -22.96
N ASP A 273 -17.95 -19.58 -24.00
CA ASP A 273 -17.42 -20.26 -25.18
C ASP A 273 -16.87 -19.26 -26.20
N GLY A 274 -16.84 -17.98 -25.81
CA GLY A 274 -16.30 -16.94 -26.66
C GLY A 274 -17.25 -16.39 -27.70
N LYS A 275 -18.46 -16.95 -27.75
CA LYS A 275 -19.42 -16.57 -28.79
C LYS A 275 -20.57 -15.74 -28.23
N HIS A 276 -21.00 -14.76 -29.02
CA HIS A 276 -22.17 -13.97 -28.68
C HIS A 276 -23.36 -14.90 -28.51
N ASP A 277 -24.12 -14.69 -27.44
CA ASP A 277 -25.46 -15.16 -27.49
C ASP A 277 -26.16 -14.10 -28.33
N TYR A 278 -27.15 -14.49 -29.13
CA TYR A 278 -27.86 -13.52 -29.95
C TYR A 278 -29.30 -13.43 -29.48
N ARG A 279 -29.48 -13.10 -28.20
CA ARG A 279 -30.80 -13.23 -27.59
C ARG A 279 -31.55 -11.91 -27.45
N ASP A 280 -30.84 -10.79 -27.43
CA ASP A 280 -31.48 -9.48 -27.38
C ASP A 280 -31.30 -8.73 -28.70
N HIS A 281 -31.88 -7.53 -28.80
CA HIS A 281 -32.11 -6.89 -30.09
C HIS A 281 -30.83 -6.39 -30.80
N GLU A 282 -29.73 -6.33 -30.07
CA GLU A 282 -28.44 -5.99 -30.67
C GLU A 282 -27.28 -6.47 -29.80
N LEU A 283 -26.08 -6.39 -30.35
CA LEU A 283 -24.88 -6.83 -29.64
C LEU A 283 -24.33 -5.72 -28.76
N ILE A 284 -24.22 -6.05 -27.48
CA ILE A 284 -23.77 -5.13 -26.45
C ILE A 284 -22.36 -5.48 -25.94
N GLN A 285 -21.52 -4.46 -25.85
CA GLN A 285 -20.34 -4.51 -25.01
C GLN A 285 -20.47 -3.88 -23.61
N ASP A 286 -20.01 -4.65 -22.62
CA ASP A 286 -20.05 -4.25 -21.23
C ASP A 286 -19.03 -3.16 -20.95
N ARG A 287 -19.48 -2.15 -20.22
CA ARG A 287 -18.64 -1.06 -19.79
C ARG A 287 -17.59 -1.53 -18.80
N TYR A 288 -16.57 -0.70 -18.58
CA TYR A 288 -15.40 -1.12 -17.81
C TYR A 288 -15.71 -1.59 -16.39
N SER A 289 -16.73 -1.02 -15.75
CA SER A 289 -17.03 -1.38 -14.36
C SER A 289 -17.45 -2.83 -14.23
N LEU A 290 -17.84 -3.43 -15.35
CA LEU A 290 -18.14 -4.85 -15.39
C LEU A 290 -16.96 -5.61 -16.00
N ARG A 291 -16.51 -5.17 -17.17
CA ARG A 291 -15.48 -5.87 -17.92
C ARG A 291 -14.12 -5.91 -17.22
N CYS A 292 -13.78 -4.81 -16.55
CA CYS A 292 -12.48 -4.68 -15.92
C CYS A 292 -12.56 -4.85 -14.42
N LEU A 293 -13.64 -5.48 -13.94
CA LEU A 293 -13.86 -5.67 -12.51
C LEU A 293 -12.74 -6.46 -11.81
N PRO A 294 -12.31 -7.59 -12.40
CA PRO A 294 -11.20 -8.28 -11.72
C PRO A 294 -9.88 -7.51 -11.67
N GLN A 295 -9.54 -6.83 -12.75
CA GLN A 295 -8.32 -6.02 -12.81
C GLN A 295 -8.36 -4.87 -11.80
N TYR A 296 -9.55 -4.35 -11.53
CA TYR A 296 -9.70 -3.22 -10.64
C TYR A 296 -9.59 -3.66 -9.17
N LEU A 297 -10.26 -4.75 -8.83
CA LEU A 297 -10.30 -5.26 -7.45
C LEU A 297 -9.05 -6.02 -7.03
N GLY A 298 -8.29 -6.53 -7.99
CA GLY A 298 -7.07 -7.27 -7.71
C GLY A 298 -6.20 -6.61 -6.65
N PRO A 299 -5.72 -5.38 -6.92
CA PRO A 299 -4.80 -4.75 -5.96
C PRO A 299 -5.45 -4.46 -4.61
N ILE A 300 -6.75 -4.24 -4.58
CA ILE A 300 -7.44 -4.02 -3.31
C ILE A 300 -7.49 -5.30 -2.49
N VAL A 301 -7.94 -6.36 -3.12
CA VAL A 301 -7.93 -7.68 -2.53
C VAL A 301 -6.53 -8.04 -2.04
N ASP A 302 -5.52 -7.79 -2.88
CA ASP A 302 -4.16 -8.15 -2.50
C ASP A 302 -3.65 -7.23 -1.39
N GLY A 303 -4.08 -5.97 -1.42
CA GLY A 303 -3.67 -5.04 -0.41
C GLY A 303 -4.22 -5.37 0.97
N ILE A 304 -5.51 -5.64 1.04
CA ILE A 304 -6.15 -6.03 2.28
C ILE A 304 -5.52 -7.30 2.85
N SER A 305 -5.14 -8.21 1.96
CA SER A 305 -4.54 -9.45 2.37
C SER A 305 -3.15 -9.20 2.92
N GLN A 306 -2.47 -8.21 2.34
CA GLN A 306 -1.12 -7.83 2.79
C GLN A 306 -1.18 -7.11 4.14
N ILE A 307 -2.11 -6.18 4.26
CA ILE A 307 -2.38 -5.53 5.55
C ILE A 307 -2.71 -6.56 6.63
N ALA A 308 -3.52 -7.55 6.30
CA ALA A 308 -3.93 -8.55 7.28
C ALA A 308 -2.73 -9.34 7.77
N LYS A 309 -1.84 -9.71 6.87
CA LYS A 309 -0.60 -10.38 7.21
C LYS A 309 0.29 -9.53 8.11
N GLN A 310 0.38 -8.24 7.82
CA GLN A 310 1.24 -7.35 8.59
C GLN A 310 0.64 -7.13 9.96
N ILE A 311 -0.68 -6.94 10.02
CA ILE A 311 -1.35 -6.69 11.28
C ILE A 311 -1.26 -7.92 12.21
N GLU A 312 -1.23 -9.11 11.63
CA GLU A 312 -1.13 -10.33 12.42
C GLU A 312 0.27 -10.53 13.04
N ILE A 313 1.33 -10.10 12.35
CA ILE A 313 2.66 -10.06 12.96
C ILE A 313 2.63 -9.13 14.17
N GLU A 314 2.04 -7.94 13.98
CA GLU A 314 1.99 -6.93 15.03
C GLU A 314 1.21 -7.43 16.26
N ILE A 315 0.12 -8.17 15.99
CA ILE A 315 -0.68 -8.80 17.04
C ILE A 315 0.17 -9.67 17.95
N ASN A 316 1.15 -10.34 17.37
CA ASN A 316 1.96 -11.31 18.10
C ASN A 316 3.34 -10.81 18.42
N SER A 317 3.51 -9.50 18.36
CA SER A 317 4.80 -8.89 18.60
C SER A 317 4.91 -8.42 20.04
N VAL A 318 6.12 -8.51 20.59
CA VAL A 318 6.44 -7.86 21.85
C VAL A 318 6.75 -6.39 21.58
N THR A 319 6.02 -5.50 22.24
CA THR A 319 5.99 -4.12 21.78
C THR A 319 6.35 -3.09 22.88
N ASP A 320 6.61 -3.52 24.10
CA ASP A 320 7.01 -2.54 25.12
C ASP A 320 8.52 -2.42 25.12
N ASN A 321 9.06 -1.78 26.16
CA ASN A 321 10.46 -1.40 26.17
C ASN A 321 10.82 -0.89 27.55
N PRO A 322 12.04 -1.18 28.04
CA PRO A 322 13.09 -2.03 27.46
C PRO A 322 12.74 -3.51 27.43
N LEU A 323 13.37 -4.26 26.54
CA LEU A 323 13.15 -5.69 26.45
C LEU A 323 14.16 -6.47 27.27
N ILE A 324 13.67 -7.42 28.07
CA ILE A 324 14.52 -8.23 28.94
C ILE A 324 14.93 -9.52 28.29
N ASP A 325 16.24 -9.74 28.21
CA ASP A 325 16.81 -11.00 27.68
C ASP A 325 17.41 -11.79 28.83
N VAL A 326 16.62 -12.68 29.44
CA VAL A 326 17.09 -13.39 30.63
C VAL A 326 18.19 -14.40 30.33
N ASP A 327 18.17 -14.98 29.13
CA ASP A 327 19.22 -15.90 28.71
C ASP A 327 20.63 -15.27 28.75
N ASN A 328 20.72 -13.98 28.46
CA ASN A 328 22.01 -13.31 28.50
C ASN A 328 22.11 -12.31 29.62
N GLN A 329 21.12 -12.34 30.52
CA GLN A 329 21.02 -11.38 31.63
C GLN A 329 21.30 -9.95 31.16
N ALA A 330 20.43 -9.47 30.26
CA ALA A 330 20.59 -8.17 29.63
C ALA A 330 19.26 -7.54 29.29
N SER A 331 19.24 -6.23 29.16
CA SER A 331 18.05 -5.55 28.67
C SER A 331 18.45 -4.58 27.57
N TYR A 332 17.56 -4.38 26.59
CA TYR A 332 17.87 -3.57 25.43
C TYR A 332 16.89 -2.41 25.29
N HIS A 333 17.44 -1.24 25.03
CA HIS A 333 16.65 -0.03 24.82
C HIS A 333 16.35 0.08 23.31
N GLY A 334 15.13 -0.28 22.93
CA GLY A 334 14.77 -0.40 21.53
C GLY A 334 13.58 0.46 21.14
N GLY A 335 12.88 0.08 20.06
CA GLY A 335 11.82 0.90 19.54
C GLY A 335 10.56 0.18 19.08
N ASN A 336 10.29 -1.02 19.59
CA ASN A 336 9.14 -1.79 19.12
C ASN A 336 7.78 -1.15 19.36
N PHE A 337 7.75 -0.08 20.14
CA PHE A 337 6.51 0.63 20.41
C PHE A 337 6.05 1.51 19.24
N LEU A 338 6.86 1.61 18.19
CA LEU A 338 6.48 2.37 17.01
C LEU A 338 5.56 1.54 16.11
N GLY A 339 4.29 1.93 16.01
CA GLY A 339 3.33 1.15 15.22
C GLY A 339 3.26 1.52 13.76
N GLN A 340 4.41 1.53 13.08
CA GLN A 340 4.47 1.99 11.70
C GLN A 340 3.69 1.11 10.72
N TYR A 341 3.70 -0.21 10.90
CA TYR A 341 2.88 -1.07 10.06
C TYR A 341 1.40 -0.77 10.24
N VAL A 342 1.01 -0.30 11.40
CA VAL A 342 -0.39 0.02 11.67
C VAL A 342 -0.78 1.38 11.06
N GLY A 343 0.07 2.39 11.23
CA GLY A 343 -0.20 3.70 10.67
C GLY A 343 -0.32 3.65 9.15
N MET A 344 0.67 3.06 8.52
CA MET A 344 0.69 2.97 7.07
C MET A 344 -0.36 1.99 6.57
N GLY A 345 -0.49 0.84 7.23
CA GLY A 345 -1.50 -0.13 6.87
C GLY A 345 -2.92 0.42 6.86
N MET A 346 -3.27 1.22 7.85
CA MET A 346 -4.61 1.78 7.94
C MET A 346 -4.81 2.93 6.95
N ASP A 347 -3.74 3.66 6.65
CA ASP A 347 -3.77 4.57 5.50
C ASP A 347 -4.19 3.80 4.24
N HIS A 348 -3.49 2.70 3.96
CA HIS A 348 -3.78 1.92 2.78
C HIS A 348 -5.22 1.41 2.81
N LEU A 349 -5.67 0.92 3.98
CA LEU A 349 -7.00 0.32 4.10
C LEU A 349 -8.10 1.32 3.75
N ARG A 350 -7.98 2.53 4.28
CA ARG A 350 -8.94 3.60 4.03
C ARG A 350 -8.99 3.96 2.55
N TYR A 351 -7.82 3.96 1.94
CA TYR A 351 -7.68 4.26 0.52
C TYR A 351 -8.40 3.17 -0.29
N TYR A 352 -8.23 1.92 0.13
CA TYR A 352 -8.83 0.79 -0.55
C TYR A 352 -10.35 0.82 -0.44
N ILE A 353 -10.85 1.22 0.73
CA ILE A 353 -12.28 1.29 0.95
C ILE A 353 -12.92 2.34 0.03
N GLY A 354 -12.24 3.47 -0.11
CA GLY A 354 -12.68 4.48 -1.06
C GLY A 354 -12.78 3.93 -2.46
N LEU A 355 -11.76 3.20 -2.89
CA LEU A 355 -11.74 2.62 -4.22
C LEU A 355 -12.87 1.62 -4.41
N LEU A 356 -13.12 0.79 -3.40
CA LEU A 356 -14.26 -0.13 -3.43
C LEU A 356 -15.57 0.60 -3.62
N ALA A 357 -15.79 1.67 -2.85
CA ALA A 357 -17.05 2.41 -2.84
C ALA A 357 -17.29 3.11 -4.15
N LYS A 358 -16.26 3.72 -4.71
CA LYS A 358 -16.42 4.46 -5.95
C LYS A 358 -16.81 3.53 -7.11
N HIS A 359 -16.19 2.36 -7.15
CA HIS A 359 -16.55 1.37 -8.13
C HIS A 359 -18.02 0.97 -7.99
N LEU A 360 -18.46 0.69 -6.76
CA LEU A 360 -19.85 0.34 -6.50
C LEU A 360 -20.83 1.45 -6.88
N ASP A 361 -20.42 2.70 -6.74
CA ASP A 361 -21.31 3.83 -7.00
C ASP A 361 -21.52 4.00 -8.49
N VAL A 362 -20.50 3.69 -9.25
CA VAL A 362 -20.57 3.70 -10.70
C VAL A 362 -21.54 2.61 -11.20
N GLN A 363 -21.56 1.45 -10.55
CA GLN A 363 -22.54 0.41 -10.91
C GLN A 363 -23.94 0.93 -10.65
N ILE A 364 -24.14 1.58 -9.52
CA ILE A 364 -25.46 2.14 -9.21
C ILE A 364 -25.87 3.16 -10.28
N ALA A 365 -24.92 3.97 -10.74
CA ALA A 365 -25.20 4.95 -11.80
C ALA A 365 -25.75 4.29 -13.09
N LEU A 366 -25.19 3.16 -13.48
CA LEU A 366 -25.72 2.35 -14.57
C LEU A 366 -27.13 1.82 -14.31
N LEU A 367 -27.36 1.26 -13.13
CA LEU A 367 -28.65 0.70 -12.80
C LEU A 367 -29.75 1.76 -12.85
N ALA A 368 -29.42 2.96 -12.37
CA ALA A 368 -30.44 4.00 -12.17
C ALA A 368 -30.81 4.71 -13.46
N SER A 369 -29.90 4.64 -14.44
CA SER A 369 -30.03 5.42 -15.66
C SER A 369 -30.46 4.56 -16.85
N PRO A 370 -31.63 4.86 -17.43
CA PRO A 370 -32.18 4.14 -18.60
C PRO A 370 -31.22 4.10 -19.80
N GLU A 371 -30.41 5.14 -20.00
CA GLU A 371 -29.44 5.15 -21.08
C GLU A 371 -28.45 4.00 -20.96
N PHE A 372 -28.15 3.60 -19.72
CA PHE A 372 -27.07 2.63 -19.48
C PHE A 372 -27.49 1.33 -18.80
N SER A 373 -28.77 1.18 -18.46
CA SER A 373 -29.20 0.05 -17.64
C SER A 373 -29.67 -1.15 -18.45
N ASN A 374 -29.70 -0.98 -19.77
CA ASN A 374 -30.11 -2.05 -20.67
C ASN A 374 -31.55 -2.51 -20.40
N GLY A 375 -32.47 -1.57 -20.32
CA GLY A 375 -33.88 -1.87 -20.24
C GLY A 375 -34.52 -1.72 -18.87
N LEU A 376 -33.74 -1.40 -17.84
CA LEU A 376 -34.30 -1.22 -16.50
C LEU A 376 -35.04 0.10 -16.42
N PRO A 377 -36.12 0.13 -15.62
CA PRO A 377 -36.90 1.37 -15.44
C PRO A 377 -36.06 2.48 -14.81
N PRO A 378 -36.44 3.75 -15.06
CA PRO A 378 -35.65 4.85 -14.50
C PRO A 378 -35.63 4.83 -12.97
N SER A 379 -34.43 4.92 -12.39
CA SER A 379 -34.23 4.90 -10.95
C SER A 379 -34.80 3.65 -10.28
N LEU A 380 -34.95 2.59 -11.07
CA LEU A 380 -35.47 1.31 -10.60
C LEU A 380 -36.86 1.47 -10.01
N LEU A 381 -37.63 2.36 -10.63
CA LEU A 381 -39.05 2.55 -10.36
C LEU A 381 -39.81 1.22 -10.34
N GLY A 382 -40.70 1.05 -9.36
CA GLY A 382 -41.51 -0.15 -9.24
C GLY A 382 -42.87 -0.04 -9.93
N ASN A 383 -43.83 0.52 -9.22
CA ASN A 383 -45.20 0.65 -9.72
C ASN A 383 -45.36 1.75 -10.78
N ARG A 384 -45.46 1.33 -12.05
CA ARG A 384 -45.55 2.26 -13.16
C ARG A 384 -46.87 3.05 -13.27
N GLU A 385 -47.94 2.59 -12.62
CA GLU A 385 -49.19 3.31 -12.78
C GLU A 385 -49.37 4.41 -11.73
N ARG A 386 -48.46 4.46 -10.76
CA ARG A 386 -48.42 5.56 -9.81
C ARG A 386 -47.35 6.54 -10.28
N LYS A 387 -47.75 7.51 -11.10
CA LYS A 387 -46.84 8.39 -11.81
C LYS A 387 -45.92 9.22 -10.93
N VAL A 388 -46.33 9.50 -9.69
CA VAL A 388 -45.52 10.33 -8.80
C VAL A 388 -44.29 9.56 -8.31
N ASN A 389 -44.34 8.23 -8.40
CA ASN A 389 -43.22 7.37 -8.01
C ASN A 389 -41.90 7.77 -8.66
N MET A 390 -40.87 7.93 -7.85
CA MET A 390 -39.54 8.21 -8.35
C MET A 390 -38.53 7.12 -7.97
N GLY A 391 -39.03 5.98 -7.52
CA GLY A 391 -38.20 4.84 -7.15
C GLY A 391 -37.05 5.13 -6.20
N LEU A 392 -35.85 4.75 -6.61
CA LEU A 392 -34.69 4.78 -5.73
C LEU A 392 -33.82 6.03 -5.94
N LYS A 393 -34.40 7.04 -6.57
CA LYS A 393 -33.71 8.31 -6.83
C LYS A 393 -33.08 8.93 -5.57
N GLY A 394 -33.85 8.95 -4.50
CA GLY A 394 -33.35 9.40 -3.21
C GLY A 394 -32.24 8.50 -2.68
N LEU A 395 -32.40 7.21 -2.85
CA LEU A 395 -31.38 6.28 -2.39
C LEU A 395 -30.05 6.46 -3.14
N GLN A 396 -30.12 6.83 -4.42
CA GLN A 396 -28.89 7.02 -5.17
C GLN A 396 -28.14 8.25 -4.67
N ILE A 397 -28.89 9.33 -4.44
CA ILE A 397 -28.31 10.58 -3.99
C ILE A 397 -27.59 10.34 -2.68
N CYS A 398 -28.18 9.52 -1.81
CA CYS A 398 -27.55 9.21 -0.54
C CYS A 398 -26.26 8.42 -0.74
N GLY A 399 -26.27 7.51 -1.71
CA GLY A 399 -25.07 6.83 -2.10
C GLY A 399 -24.03 7.82 -2.60
N ASN A 400 -24.46 8.74 -3.45
CA ASN A 400 -23.58 9.77 -4.01
C ASN A 400 -22.98 10.68 -2.94
N SER A 401 -23.61 10.75 -1.77
CA SER A 401 -23.13 11.62 -0.69
C SER A 401 -22.13 10.91 0.20
N ILE A 402 -22.15 9.58 0.16
CA ILE A 402 -21.34 8.80 1.07
C ILE A 402 -20.00 8.38 0.46
N MET A 403 -19.98 7.95 -0.82
CA MET A 403 -18.73 7.51 -1.44
C MET A 403 -17.63 8.59 -1.43
N PRO A 404 -17.96 9.85 -1.82
CA PRO A 404 -16.86 10.82 -1.84
C PRO A 404 -16.28 11.03 -0.45
N LEU A 405 -17.12 10.95 0.58
CA LEU A 405 -16.64 11.05 1.96
C LEU A 405 -15.68 9.89 2.24
N LEU A 406 -15.96 8.74 1.63
CA LEU A 406 -15.09 7.59 1.79
C LEU A 406 -13.75 7.79 1.08
N THR A 407 -13.75 8.44 -0.09
CA THR A 407 -12.49 8.70 -0.77
C THR A 407 -11.72 9.79 0.01
N PHE A 408 -12.45 10.73 0.59
CA PHE A 408 -11.85 11.76 1.47
C PHE A 408 -11.06 11.11 2.61
N TYR A 409 -11.63 10.10 3.25
CA TYR A 409 -10.95 9.43 4.36
C TYR A 409 -9.82 8.57 3.85
N GLY A 410 -9.76 8.37 2.55
CA GLY A 410 -8.68 7.63 1.94
C GLY A 410 -7.39 8.43 1.90
N ASN A 411 -7.45 9.72 2.18
CA ASN A 411 -6.24 10.51 2.41
C ASN A 411 -5.41 9.86 3.53
N SER A 412 -4.12 10.13 3.55
CA SER A 412 -3.24 9.49 4.51
C SER A 412 -2.96 10.39 5.72
N ILE A 413 -2.51 9.79 6.82
CA ILE A 413 -2.11 10.58 7.98
C ILE A 413 -0.69 10.24 8.48
N ALA A 414 -0.13 9.08 8.10
CA ALA A 414 1.17 8.71 8.67
C ALA A 414 2.27 9.68 8.24
N ASP A 415 2.07 10.29 7.08
CA ASP A 415 3.03 11.24 6.53
C ASP A 415 2.98 12.62 7.19
N ARG A 416 1.96 12.86 8.01
CA ARG A 416 1.81 14.16 8.63
C ARG A 416 2.27 14.17 10.08
N PHE A 417 3.14 13.24 10.48
CA PHE A 417 3.56 13.18 11.87
C PHE A 417 4.34 14.42 12.25
N PRO A 418 4.17 14.87 13.50
CA PRO A 418 4.90 16.06 13.97
C PRO A 418 6.31 15.68 14.45
N THR A 419 7.33 16.40 13.99
CA THR A 419 8.71 16.02 14.28
C THR A 419 9.21 16.66 15.57
N HIS A 420 8.42 17.55 16.13
CA HIS A 420 8.73 18.17 17.41
C HIS A 420 8.13 17.44 18.62
N ALA A 421 7.54 16.27 18.41
CA ALA A 421 6.76 15.63 19.47
C ALA A 421 7.56 15.25 20.72
N GLU A 422 6.92 15.38 21.87
CA GLU A 422 7.43 15.02 23.19
C GLU A 422 8.84 15.48 23.42
N GLN A 423 8.99 16.79 23.62
CA GLN A 423 10.29 17.37 23.93
C GLN A 423 11.35 17.02 22.89
N PHE A 424 10.92 16.78 21.66
CA PHE A 424 11.77 16.45 20.52
C PHE A 424 12.42 15.08 20.62
N ASN A 425 12.04 14.30 21.62
CA ASN A 425 12.49 12.92 21.72
C ASN A 425 11.83 12.03 20.66
N GLN A 426 10.55 12.26 20.41
CA GLN A 426 9.80 11.40 19.51
C GLN A 426 9.70 12.03 18.13
N ASN A 427 10.86 12.23 17.51
CA ASN A 427 10.94 13.05 16.32
C ASN A 427 10.51 12.31 15.07
N ILE A 428 10.33 11.01 15.17
CA ILE A 428 9.43 10.31 14.25
C ILE A 428 8.38 9.57 15.07
N ASN A 429 7.20 9.39 14.48
CA ASN A 429 6.14 8.61 15.10
C ASN A 429 5.17 8.22 14.01
N SER A 430 4.29 7.26 14.30
CA SER A 430 3.57 6.54 13.25
C SER A 430 2.18 7.11 12.94
N GLN A 431 1.69 7.97 13.84
CA GLN A 431 0.30 8.42 13.84
C GLN A 431 -0.66 7.24 13.72
N GLY A 432 -0.23 6.09 14.21
CA GLY A 432 -0.92 4.84 14.01
C GLY A 432 -2.26 4.76 14.69
N TYR A 433 -2.38 5.46 15.81
CA TYR A 433 -3.58 5.40 16.62
C TYR A 433 -4.74 6.11 15.96
N THR A 434 -4.53 7.35 15.54
CA THR A 434 -5.59 8.09 14.91
C THR A 434 -5.80 7.53 13.51
N SER A 435 -4.74 6.96 12.92
CA SER A 435 -4.92 6.27 11.66
C SER A 435 -5.91 5.11 11.83
N ALA A 436 -5.79 4.36 12.92
CA ALA A 436 -6.71 3.26 13.16
C ALA A 436 -8.13 3.75 13.46
N THR A 437 -8.29 4.79 14.27
CA THR A 437 -9.64 5.27 14.56
C THR A 437 -10.32 5.82 13.32
N LEU A 438 -9.54 6.46 12.45
CA LEU A 438 -10.05 6.92 11.16
C LEU A 438 -10.53 5.74 10.30
N ALA A 439 -9.76 4.64 10.32
CA ALA A 439 -10.16 3.42 9.64
C ALA A 439 -11.49 2.89 10.18
N ARG A 440 -11.67 2.92 11.50
CA ARG A 440 -12.93 2.54 12.12
C ARG A 440 -14.08 3.38 11.57
N ARG A 441 -13.82 4.67 11.39
CA ARG A 441 -14.79 5.58 10.83
C ARG A 441 -15.12 5.20 9.36
N SER A 442 -14.09 4.94 8.54
CA SER A 442 -14.28 4.49 7.17
C SER A 442 -15.12 3.22 7.08
N VAL A 443 -14.73 2.23 7.85
CA VAL A 443 -15.42 0.96 7.89
C VAL A 443 -16.88 1.11 8.31
N ASP A 444 -17.15 1.93 9.33
CA ASP A 444 -18.53 2.13 9.77
C ASP A 444 -19.33 2.76 8.65
N ILE A 445 -18.72 3.71 7.95
CA ILE A 445 -19.42 4.41 6.90
C ILE A 445 -19.59 3.47 5.70
N PHE A 446 -18.57 2.64 5.44
CA PHE A 446 -18.66 1.70 4.34
C PHE A 446 -19.76 0.68 4.60
N GLN A 447 -20.06 0.40 5.86
CA GLN A 447 -21.14 -0.54 6.16
C GLN A 447 -22.49 0.03 5.74
N ASN A 448 -22.72 1.31 6.00
CA ASN A 448 -23.91 1.99 5.49
C ASN A 448 -23.94 2.02 3.97
N TYR A 449 -22.77 2.26 3.39
CA TYR A 449 -22.71 2.39 1.94
C TYR A 449 -23.08 1.06 1.28
N VAL A 450 -22.57 -0.05 1.83
CA VAL A 450 -22.77 -1.37 1.24
C VAL A 450 -24.24 -1.81 1.36
N ALA A 451 -24.87 -1.39 2.45
CA ALA A 451 -26.30 -1.57 2.63
C ALA A 451 -27.08 -0.95 1.47
N ILE A 452 -26.74 0.27 1.09
CA ILE A 452 -27.41 0.97 0.01
C ILE A 452 -27.20 0.25 -1.31
N ALA A 453 -25.97 -0.16 -1.54
CA ALA A 453 -25.63 -0.89 -2.75
C ALA A 453 -26.37 -2.22 -2.79
N LEU A 454 -26.47 -2.90 -1.65
CA LEU A 454 -27.25 -4.13 -1.59
C LEU A 454 -28.71 -3.90 -1.98
N MET A 455 -29.27 -2.78 -1.56
CA MET A 455 -30.66 -2.50 -1.86
C MET A 455 -30.85 -2.30 -3.34
N PHE A 456 -29.90 -1.61 -3.95
CA PHE A 456 -29.97 -1.35 -5.37
C PHE A 456 -29.92 -2.63 -6.17
N GLY A 457 -29.03 -3.53 -5.78
CA GLY A 457 -28.86 -4.77 -6.49
C GLY A 457 -30.07 -5.67 -6.38
N VAL A 458 -30.70 -5.65 -5.21
CA VAL A 458 -31.86 -6.48 -4.94
C VAL A 458 -33.08 -6.01 -5.74
N GLN A 459 -33.35 -4.72 -5.75
CA GLN A 459 -34.40 -4.13 -6.60
C GLN A 459 -34.19 -4.46 -8.05
N ALA A 460 -32.93 -4.31 -8.45
CA ALA A 460 -32.59 -4.33 -9.85
C ALA A 460 -32.78 -5.73 -10.43
N VAL A 461 -32.40 -6.77 -9.69
CA VAL A 461 -32.58 -8.12 -10.22
C VAL A 461 -34.07 -8.50 -10.22
N ASP A 462 -34.85 -7.95 -9.28
CA ASP A 462 -36.30 -8.12 -9.34
C ASP A 462 -36.85 -7.56 -10.65
N LEU A 463 -36.41 -6.37 -11.02
CA LEU A 463 -36.93 -5.73 -12.23
C LEU A 463 -36.42 -6.40 -13.51
N ARG A 464 -35.19 -6.92 -13.47
CA ARG A 464 -34.67 -7.68 -14.58
C ARG A 464 -35.43 -8.98 -14.73
N THR A 465 -35.69 -9.63 -13.60
CA THR A 465 -36.46 -10.86 -13.58
C THR A 465 -37.83 -10.66 -14.20
N TYR A 466 -38.44 -9.53 -13.91
CA TYR A 466 -39.72 -9.21 -14.50
C TYR A 466 -39.62 -9.02 -16.02
N LYS A 467 -38.51 -8.48 -16.50
CA LYS A 467 -38.32 -8.31 -17.93
C LYS A 467 -38.22 -9.67 -18.61
N LYS A 468 -37.52 -10.59 -17.97
CA LYS A 468 -37.24 -11.90 -18.56
C LYS A 468 -38.40 -12.88 -18.43
N THR A 469 -39.03 -12.88 -17.27
CA THR A 469 -40.11 -13.80 -16.96
C THR A 469 -41.39 -13.00 -16.76
N GLY A 470 -42.47 -13.65 -16.42
CA GLY A 470 -43.63 -12.84 -16.09
C GLY A 470 -43.47 -11.97 -14.84
N HIS A 471 -42.69 -12.43 -13.89
CA HIS A 471 -42.95 -12.06 -12.50
C HIS A 471 -41.75 -11.46 -11.77
N TYR A 472 -41.89 -11.24 -10.46
CA TYR A 472 -40.86 -10.50 -9.74
C TYR A 472 -40.07 -11.29 -8.72
N ASP A 473 -40.24 -12.60 -8.68
CA ASP A 473 -39.45 -13.39 -7.74
C ASP A 473 -38.16 -13.84 -8.40
N ALA A 474 -37.06 -13.23 -8.00
CA ALA A 474 -35.76 -13.43 -8.67
C ALA A 474 -35.05 -14.68 -8.21
N ARG A 475 -35.53 -15.29 -7.14
CA ARG A 475 -34.89 -16.47 -6.56
C ARG A 475 -34.62 -17.60 -7.56
N ALA A 476 -35.61 -17.93 -8.38
CA ALA A 476 -35.39 -18.98 -9.38
C ALA A 476 -34.34 -18.55 -10.41
N SER A 477 -34.30 -17.26 -10.73
CA SER A 477 -33.49 -16.77 -11.85
C SER A 477 -32.04 -16.49 -11.52
N LEU A 478 -31.78 -16.14 -10.27
CA LEU A 478 -30.43 -15.81 -9.83
C LEU A 478 -29.55 -17.04 -9.79
N SER A 479 -28.25 -16.82 -9.87
CA SER A 479 -27.29 -17.87 -9.57
C SER A 479 -27.52 -18.27 -8.13
N PRO A 480 -27.34 -19.57 -7.81
CA PRO A 480 -27.57 -20.01 -6.43
C PRO A 480 -26.78 -19.20 -5.40
N ALA A 481 -25.52 -18.91 -5.68
CA ALA A 481 -24.70 -18.17 -4.73
C ALA A 481 -25.29 -16.80 -4.40
N THR A 482 -25.73 -16.06 -5.42
CA THR A 482 -26.29 -14.73 -5.15
C THR A 482 -27.72 -14.81 -4.67
N GLU A 483 -28.35 -15.97 -4.77
CA GLU A 483 -29.69 -16.14 -4.22
C GLU A 483 -29.63 -16.13 -2.70
N ARG A 484 -28.58 -16.68 -2.12
CA ARG A 484 -28.45 -16.67 -0.66
C ARG A 484 -28.39 -15.25 -0.13
N LEU A 485 -27.73 -14.37 -0.87
CA LEU A 485 -27.47 -13.03 -0.37
C LEU A 485 -28.72 -12.20 -0.52
N TYR A 486 -29.38 -12.42 -1.65
CA TYR A 486 -30.64 -11.79 -1.97
C TYR A 486 -31.67 -12.08 -0.90
N SER A 487 -31.78 -13.36 -0.56
CA SER A 487 -32.74 -13.82 0.42
C SER A 487 -32.40 -13.31 1.81
N ALA A 488 -31.11 -13.31 2.15
CA ALA A 488 -30.62 -12.78 3.42
C ALA A 488 -30.99 -11.30 3.57
N VAL A 489 -30.74 -10.50 2.55
CA VAL A 489 -31.12 -9.10 2.54
C VAL A 489 -32.63 -8.92 2.72
N ARG A 490 -33.42 -9.68 1.95
CA ARG A 490 -34.88 -9.59 2.00
C ARG A 490 -35.45 -10.07 3.34
N HIS A 491 -34.77 -11.02 3.98
CA HIS A 491 -35.14 -11.43 5.34
C HIS A 491 -34.88 -10.31 6.35
N VAL A 492 -33.65 -9.81 6.38
CA VAL A 492 -33.24 -8.77 7.32
C VAL A 492 -34.16 -7.55 7.24
N VAL A 493 -34.51 -7.18 6.03
CA VAL A 493 -35.30 -6.00 5.77
C VAL A 493 -36.78 -6.26 6.05
N GLY A 494 -37.19 -7.53 5.95
CA GLY A 494 -38.55 -7.94 6.25
C GLY A 494 -39.52 -7.85 5.09
N GLN A 495 -39.01 -7.90 3.86
CA GLN A 495 -39.86 -7.84 2.69
C GLN A 495 -39.64 -9.09 1.83
N LYS A 496 -40.57 -10.04 1.93
CA LYS A 496 -40.46 -11.33 1.24
C LYS A 496 -40.59 -11.22 -0.27
N PRO A 497 -39.70 -11.89 -1.00
CA PRO A 497 -39.87 -11.98 -2.46
C PRO A 497 -41.16 -12.73 -2.84
N THR A 498 -41.90 -12.17 -3.79
CA THR A 498 -43.13 -12.76 -4.30
C THR A 498 -43.18 -12.52 -5.81
N SER A 499 -43.97 -13.31 -6.52
CA SER A 499 -43.99 -13.21 -7.96
C SER A 499 -44.67 -11.92 -8.44
N ASP A 500 -45.53 -11.34 -7.61
CA ASP A 500 -46.32 -10.21 -8.07
C ASP A 500 -45.76 -8.83 -7.69
N ARG A 501 -44.86 -8.78 -6.70
CA ARG A 501 -44.23 -7.49 -6.36
C ARG A 501 -42.72 -7.59 -6.25
N PRO A 502 -42.02 -6.54 -6.70
CA PRO A 502 -40.59 -6.39 -6.47
C PRO A 502 -40.35 -5.87 -5.07
N TYR A 503 -39.12 -5.97 -4.58
CA TYR A 503 -38.71 -5.44 -3.28
C TYR A 503 -39.35 -4.07 -3.01
N ILE A 504 -39.26 -3.14 -3.96
CA ILE A 504 -39.84 -1.81 -3.79
C ILE A 504 -40.86 -1.48 -4.89
N TRP A 505 -42.05 -1.05 -4.46
CA TRP A 505 -43.18 -0.90 -5.36
C TRP A 505 -43.67 0.54 -5.40
N ASN A 506 -44.12 1.04 -4.26
CA ASN A 506 -44.45 2.45 -4.15
C ASN A 506 -43.49 3.11 -3.18
N ASP A 507 -43.16 4.38 -3.45
CA ASP A 507 -42.31 5.17 -2.57
C ASP A 507 -42.93 5.34 -1.17
N ASN A 508 -44.25 5.18 -1.14
CA ASN A 508 -45.13 5.33 0.03
C ASN A 508 -44.98 4.32 1.15
N GLU A 509 -44.47 3.15 0.78
CA GLU A 509 -44.72 1.93 1.56
C GLU A 509 -43.54 1.50 2.43
N GLN A 510 -42.46 2.28 2.41
CA GLN A 510 -41.27 2.04 3.24
C GLN A 510 -40.53 3.34 3.54
N GLY A 511 -39.87 3.39 4.69
CA GLY A 511 -38.81 4.34 4.91
C GLY A 511 -37.52 3.64 4.51
N LEU A 512 -36.85 4.13 3.46
CA LEU A 512 -35.65 3.46 2.97
C LEU A 512 -34.56 3.50 4.04
N ASP A 513 -34.60 4.55 4.85
CA ASP A 513 -33.61 4.74 5.93
C ASP A 513 -33.59 3.58 6.91
N GLU A 514 -34.76 3.06 7.23
CA GLU A 514 -34.90 1.94 8.14
C GLU A 514 -34.30 0.67 7.54
N HIS A 515 -34.45 0.50 6.23
CA HIS A 515 -33.83 -0.64 5.56
C HIS A 515 -32.31 -0.53 5.57
N ILE A 516 -31.80 0.68 5.35
CA ILE A 516 -30.37 0.94 5.45
C ILE A 516 -29.83 0.56 6.82
N ALA A 517 -30.46 1.10 7.85
CA ALA A 517 -30.05 0.82 9.23
C ALA A 517 -30.13 -0.66 9.55
N ARG A 518 -31.18 -1.34 9.09
CA ARG A 518 -31.30 -2.77 9.40
C ARG A 518 -30.26 -3.65 8.73
N ILE A 519 -29.95 -3.37 7.47
CA ILE A 519 -28.91 -4.11 6.76
C ILE A 519 -27.53 -3.85 7.34
N SER A 520 -27.19 -2.59 7.58
CA SER A 520 -25.96 -2.19 8.28
C SER A 520 -25.76 -2.92 9.60
N ALA A 521 -26.82 -2.96 10.40
CA ALA A 521 -26.75 -3.58 11.72
C ALA A 521 -26.49 -5.06 11.58
N ASP A 522 -27.13 -5.70 10.58
CA ASP A 522 -26.92 -7.13 10.36
C ASP A 522 -25.50 -7.46 9.86
N ILE A 523 -24.95 -6.59 9.02
CA ILE A 523 -23.57 -6.75 8.58
C ILE A 523 -22.63 -6.64 9.77
N ALA A 524 -22.83 -5.63 10.60
CA ALA A 524 -21.95 -5.39 11.75
C ALA A 524 -22.03 -6.53 12.78
N ALA A 525 -23.19 -7.17 12.86
CA ALA A 525 -23.41 -8.22 13.84
C ALA A 525 -23.01 -9.58 13.32
N GLY A 526 -22.55 -9.63 12.08
CA GLY A 526 -22.24 -10.90 11.47
C GLY A 526 -23.50 -11.73 11.32
N GLY A 527 -24.60 -11.09 10.88
CA GLY A 527 -25.86 -11.77 10.69
C GLY A 527 -25.95 -12.57 9.39
N VAL A 528 -27.15 -12.84 8.92
CA VAL A 528 -27.36 -13.73 7.77
C VAL A 528 -26.77 -13.20 6.45
N ILE A 529 -26.69 -11.89 6.30
CA ILE A 529 -26.06 -11.29 5.13
C ILE A 529 -24.58 -11.68 5.08
N VAL A 530 -23.91 -11.63 6.23
CA VAL A 530 -22.50 -12.01 6.29
C VAL A 530 -22.37 -13.51 6.05
N GLN A 531 -23.27 -14.28 6.64
CA GLN A 531 -23.25 -15.71 6.44
C GLN A 531 -23.53 -16.13 5.01
N ALA A 532 -24.32 -15.34 4.29
CA ALA A 532 -24.61 -15.63 2.89
C ALA A 532 -23.35 -15.63 2.02
N VAL A 533 -22.37 -14.82 2.39
CA VAL A 533 -21.17 -14.73 1.57
C VAL A 533 -19.99 -15.35 2.31
N GLN A 534 -20.31 -16.23 3.25
CA GLN A 534 -19.29 -16.81 4.12
C GLN A 534 -18.24 -17.60 3.34
N ASP A 535 -18.67 -18.23 2.25
CA ASP A 535 -17.80 -19.10 1.49
C ASP A 535 -16.78 -18.36 0.63
N ILE A 536 -16.93 -17.05 0.47
CA ILE A 536 -15.91 -16.28 -0.23
C ILE A 536 -14.74 -15.99 0.72
N LEU A 537 -14.25 -17.05 1.39
CA LEU A 537 -13.29 -16.96 2.48
C LEU A 537 -13.56 -15.73 3.34
N ASN B 1 22.86 -10.43 -23.04
CA ASN B 1 21.74 -10.28 -23.96
C ASN B 1 20.42 -10.77 -23.38
N VAL B 2 19.34 -10.12 -23.78
CA VAL B 2 18.03 -10.42 -23.23
C VAL B 2 17.14 -11.05 -24.29
N ILE B 3 16.74 -12.28 -24.05
CA ILE B 3 15.82 -13.00 -24.92
C ILE B 3 14.38 -12.78 -24.45
N ILE B 4 13.51 -12.37 -25.36
CA ILE B 4 12.23 -11.81 -24.96
C ILE B 4 11.23 -12.84 -24.37
N GLY B 5 10.68 -13.71 -25.21
CA GLY B 5 9.55 -14.50 -24.78
C GLY B 5 9.71 -15.99 -24.50
N ASN B 6 10.84 -16.40 -23.92
CA ASN B 6 10.91 -17.76 -23.40
C ASN B 6 11.25 -17.75 -21.90
N GLN B 7 11.20 -16.57 -21.30
CA GLN B 7 11.52 -16.38 -19.89
C GLN B 7 10.84 -15.12 -19.34
N LYS B 8 10.43 -15.14 -18.08
CA LYS B 8 9.93 -13.91 -17.47
C LYS B 8 11.01 -12.84 -17.42
N LEU B 9 10.62 -11.61 -17.73
CA LEU B 9 11.48 -10.44 -17.59
C LEU B 9 11.40 -9.92 -16.16
N THR B 10 12.55 -9.51 -15.62
CA THR B 10 12.61 -8.91 -14.30
C THR B 10 12.73 -7.41 -14.47
N ILE B 11 12.63 -6.70 -13.36
CA ILE B 11 12.82 -5.26 -13.38
C ILE B 11 14.28 -4.89 -13.69
N ASN B 12 15.25 -5.67 -13.20
CA ASN B 12 16.63 -5.51 -13.64
C ASN B 12 16.78 -5.61 -15.15
N ASP B 13 16.10 -6.59 -15.74
CA ASP B 13 16.18 -6.80 -17.20
C ASP B 13 15.68 -5.58 -17.95
N VAL B 14 14.55 -5.06 -17.52
CA VAL B 14 13.95 -3.88 -18.11
C VAL B 14 14.88 -2.66 -18.01
N ALA B 15 15.50 -2.45 -16.86
CA ALA B 15 16.39 -1.32 -16.69
C ALA B 15 17.64 -1.44 -17.55
N ARG B 16 18.19 -2.64 -17.65
CA ARG B 16 19.37 -2.86 -18.49
C ARG B 16 19.09 -2.49 -19.95
N VAL B 17 17.96 -2.94 -20.47
CA VAL B 17 17.58 -2.63 -21.84
C VAL B 17 17.26 -1.13 -22.00
N ALA B 18 16.56 -0.56 -21.02
CA ALA B 18 16.11 0.80 -21.16
C ALA B 18 17.24 1.81 -20.98
N ARG B 19 18.13 1.54 -20.03
CA ARG B 19 19.12 2.54 -19.62
C ARG B 19 20.52 2.26 -20.18
N ASN B 20 20.89 0.99 -20.24
CA ASN B 20 22.25 0.60 -20.60
C ASN B 20 22.39 0.15 -22.05
N GLY B 21 21.29 0.22 -22.80
CA GLY B 21 21.31 -0.20 -24.19
C GLY B 21 21.69 -1.66 -24.43
N THR B 22 21.32 -2.56 -23.53
CA THR B 22 21.54 -3.99 -23.71
C THR B 22 20.81 -4.49 -24.97
N LEU B 23 21.47 -5.33 -25.76
CA LEU B 23 20.84 -5.89 -26.95
C LEU B 23 19.71 -6.85 -26.59
N VAL B 24 18.73 -6.92 -27.48
CA VAL B 24 17.52 -7.68 -27.27
C VAL B 24 17.32 -8.59 -28.47
N SER B 25 16.74 -9.77 -28.28
CA SER B 25 16.36 -10.58 -29.42
C SER B 25 15.12 -11.41 -29.11
N LEU B 26 14.34 -11.68 -30.14
CA LEU B 26 13.16 -12.51 -30.01
C LEU B 26 13.56 -13.97 -29.97
N THR B 27 12.91 -14.74 -29.10
CA THR B 27 13.10 -16.18 -29.02
C THR B 27 12.87 -16.82 -30.39
N ASN B 28 13.59 -17.90 -30.65
CA ASN B 28 13.41 -18.67 -31.88
C ASN B 28 12.65 -19.95 -31.61
N ASN B 29 12.17 -20.11 -30.37
CA ASN B 29 11.38 -21.28 -29.99
C ASN B 29 10.28 -21.52 -31.02
N THR B 30 10.31 -22.69 -31.61
CA THR B 30 9.41 -23.01 -32.71
C THR B 30 7.94 -22.98 -32.27
N ASP B 31 7.68 -23.36 -31.01
CA ASP B 31 6.32 -23.38 -30.47
C ASP B 31 5.76 -21.97 -30.27
N ILE B 32 6.60 -21.08 -29.75
CA ILE B 32 6.20 -19.71 -29.52
C ILE B 32 5.85 -19.03 -30.84
N LEU B 33 6.68 -19.26 -31.85
CA LEU B 33 6.51 -18.61 -33.13
C LEU B 33 5.31 -19.12 -33.88
N GLN B 34 4.87 -20.33 -33.55
CA GLN B 34 3.66 -20.84 -34.16
C GLN B 34 2.42 -20.24 -33.47
N GLY B 35 2.51 -20.05 -32.16
CA GLY B 35 1.44 -19.42 -31.42
C GLY B 35 1.16 -18.03 -31.94
N ILE B 36 2.23 -17.29 -32.19
CA ILE B 36 2.11 -15.95 -32.74
C ILE B 36 1.41 -15.98 -34.12
N GLN B 37 1.77 -16.95 -34.96
CA GLN B 37 1.18 -17.04 -36.29
C GLN B 37 -0.27 -17.56 -36.26
N ALA B 38 -0.54 -18.55 -35.42
CA ALA B 38 -1.88 -19.12 -35.27
C ALA B 38 -2.94 -18.08 -34.86
N SER B 39 -2.50 -17.13 -34.05
CA SER B 39 -3.30 -16.03 -33.56
C SER B 39 -3.75 -15.10 -34.69
N CYS B 40 -2.81 -14.78 -35.59
CA CYS B 40 -3.13 -14.00 -36.78
C CYS B 40 -4.08 -14.75 -37.67
N ASP B 41 -3.79 -16.03 -37.90
CA ASP B 41 -4.63 -16.90 -38.70
C ASP B 41 -6.07 -16.85 -38.22
N TYR B 42 -6.27 -17.05 -36.93
CA TYR B 42 -7.62 -17.06 -36.38
C TYR B 42 -8.34 -15.77 -36.71
N ILE B 43 -7.70 -14.64 -36.42
CA ILE B 43 -8.33 -13.34 -36.58
C ILE B 43 -8.65 -13.05 -38.04
N ASN B 44 -7.70 -13.28 -38.92
CA ASN B 44 -7.93 -12.95 -40.31
C ASN B 44 -8.94 -13.88 -40.97
N ASN B 45 -9.15 -15.06 -40.41
CA ASN B 45 -10.27 -15.88 -40.85
C ASN B 45 -11.61 -15.42 -40.26
N ALA B 46 -11.61 -15.05 -38.99
CA ALA B 46 -12.82 -14.56 -38.34
C ALA B 46 -13.41 -13.34 -39.04
N VAL B 47 -12.54 -12.43 -39.46
CA VAL B 47 -12.94 -11.21 -40.12
C VAL B 47 -13.47 -11.50 -41.51
N GLU B 48 -12.74 -12.36 -42.21
CA GLU B 48 -13.13 -12.79 -43.55
C GLU B 48 -14.50 -13.51 -43.54
N SER B 49 -14.84 -14.10 -42.40
CA SER B 49 -16.11 -14.82 -42.22
C SER B 49 -17.19 -13.92 -41.64
N GLY B 50 -16.86 -12.66 -41.43
CA GLY B 50 -17.81 -11.71 -40.90
C GLY B 50 -18.25 -11.93 -39.47
N GLU B 51 -17.36 -12.43 -38.60
CA GLU B 51 -17.67 -12.55 -37.17
C GLU B 51 -17.76 -11.18 -36.50
N PRO B 52 -18.78 -10.98 -35.67
CA PRO B 52 -18.78 -9.75 -34.88
C PRO B 52 -17.77 -9.83 -33.73
N ILE B 53 -16.74 -8.98 -33.81
CA ILE B 53 -15.70 -8.87 -32.77
C ILE B 53 -15.49 -7.40 -32.45
N PHE B 54 -15.73 -7.00 -31.21
CA PHE B 54 -15.57 -5.59 -30.84
C PHE B 54 -14.14 -5.06 -31.09
N GLY B 55 -14.06 -3.88 -31.73
CA GLY B 55 -12.80 -3.26 -32.07
C GLY B 55 -12.12 -3.83 -33.30
N VAL B 56 -12.69 -4.90 -33.87
CA VAL B 56 -12.09 -5.58 -35.00
C VAL B 56 -13.00 -5.51 -36.23
N THR B 57 -14.27 -5.84 -36.01
CA THR B 57 -15.29 -5.64 -37.03
C THR B 57 -16.35 -4.69 -36.47
N SER B 58 -15.92 -3.82 -35.58
CA SER B 58 -16.82 -2.84 -35.01
C SER B 58 -16.00 -1.67 -34.49
N GLY B 59 -16.67 -0.54 -34.27
CA GLY B 59 -16.02 0.63 -33.70
C GLY B 59 -15.48 0.40 -32.29
N PHE B 60 -14.88 1.43 -31.72
CA PHE B 60 -14.15 1.33 -30.45
C PHE B 60 -14.90 1.97 -29.30
N GLY B 61 -14.82 1.36 -28.12
CA GLY B 61 -15.37 1.92 -26.90
C GLY B 61 -16.86 2.20 -26.96
N GLY B 62 -17.22 3.46 -26.71
CA GLY B 62 -18.60 3.88 -26.76
C GLY B 62 -19.19 3.85 -28.16
N MET B 63 -18.35 3.64 -29.17
CA MET B 63 -18.84 3.52 -30.55
C MET B 63 -18.63 2.12 -31.12
N ALA B 64 -18.64 1.13 -30.23
CA ALA B 64 -18.59 -0.27 -30.61
C ALA B 64 -19.87 -0.75 -31.29
N ASN B 65 -20.91 0.08 -31.25
CA ASN B 65 -22.18 -0.21 -31.92
C ASN B 65 -22.12 0.08 -33.44
N VAL B 66 -20.98 0.58 -33.90
CA VAL B 66 -20.78 0.85 -35.31
C VAL B 66 -20.14 -0.33 -36.01
N ALA B 67 -20.83 -0.95 -36.96
CA ALA B 67 -20.34 -2.15 -37.63
C ALA B 67 -19.32 -1.86 -38.72
N ILE B 68 -18.28 -2.66 -38.76
CA ILE B 68 -17.19 -2.47 -39.70
C ILE B 68 -17.06 -3.70 -40.57
N SER B 69 -17.19 -3.51 -41.87
CA SER B 69 -17.15 -4.61 -42.82
C SER B 69 -15.77 -5.24 -42.94
N ARG B 70 -15.75 -6.38 -43.62
CA ARG B 70 -14.54 -7.06 -44.03
C ARG B 70 -13.56 -6.10 -44.70
N GLU B 71 -14.11 -5.28 -45.59
CA GLU B 71 -13.32 -4.47 -46.50
C GLU B 71 -12.68 -3.26 -45.83
N GLN B 72 -13.28 -2.77 -44.75
CA GLN B 72 -12.74 -1.61 -44.05
C GLN B 72 -12.04 -1.97 -42.75
N ALA B 73 -11.95 -3.26 -42.46
CA ALA B 73 -11.42 -3.75 -41.19
C ALA B 73 -9.96 -3.39 -40.99
N SER B 74 -9.20 -3.39 -42.09
CA SER B 74 -7.79 -3.04 -42.01
C SER B 74 -7.59 -1.55 -41.82
N GLU B 75 -8.31 -0.75 -42.61
CA GLU B 75 -8.30 0.69 -42.48
C GLU B 75 -8.76 1.13 -41.08
N LEU B 76 -9.65 0.34 -40.47
CA LEU B 76 -10.12 0.61 -39.12
C LEU B 76 -8.95 0.73 -38.15
N GLN B 77 -8.04 -0.23 -38.22
CA GLN B 77 -6.87 -0.28 -37.37
C GLN B 77 -5.88 0.84 -37.69
N THR B 78 -5.72 1.15 -38.97
CA THR B 78 -4.80 2.21 -39.39
C THR B 78 -5.32 3.57 -38.90
N ASN B 79 -6.62 3.74 -38.94
CA ASN B 79 -7.21 5.01 -38.54
C ASN B 79 -7.20 5.23 -37.03
N LEU B 80 -7.21 4.13 -36.28
CA LEU B 80 -7.07 4.15 -34.83
C LEU B 80 -5.80 4.89 -34.44
N VAL B 81 -4.75 4.66 -35.20
CA VAL B 81 -3.49 5.33 -35.02
C VAL B 81 -3.71 6.85 -35.18
N TRP B 82 -4.53 7.27 -36.14
CA TRP B 82 -4.73 8.70 -36.40
C TRP B 82 -5.56 9.46 -35.35
N PHE B 83 -6.65 8.91 -34.88
CA PHE B 83 -7.50 9.71 -33.99
C PHE B 83 -7.04 9.63 -32.54
N LEU B 84 -6.16 8.68 -32.25
CA LEU B 84 -5.81 8.32 -30.89
C LEU B 84 -4.66 9.10 -30.42
N LYS B 85 -3.54 8.58 -30.83
CA LYS B 85 -2.36 9.37 -31.01
C LYS B 85 -2.79 10.66 -31.61
N THR B 86 -1.92 11.64 -31.47
CA THR B 86 -2.08 12.92 -32.06
C THR B 86 -3.20 13.48 -31.25
N GLY B 87 -3.28 13.02 -30.01
CA GLY B 87 -4.13 13.63 -29.01
C GLY B 87 -3.25 14.07 -27.84
N ALA B 88 -1.96 13.95 -27.99
CA ALA B 88 -1.03 14.13 -26.91
C ALA B 88 -0.44 15.51 -26.55
N GLY B 89 -0.13 15.74 -25.25
CA GLY B 89 0.59 16.89 -24.65
C GLY B 89 1.80 16.58 -23.72
N ASN B 90 2.86 17.43 -23.63
CA ASN B 90 4.35 17.16 -23.23
C ASN B 90 5.07 15.69 -23.09
N LYS B 91 6.39 15.68 -22.88
CA LYS B 91 7.34 14.70 -23.39
C LYS B 91 8.26 13.82 -22.52
N LEU B 92 8.17 12.55 -22.74
CA LEU B 92 8.84 11.62 -21.85
C LEU B 92 10.25 11.02 -22.11
N PRO B 93 10.98 10.61 -21.04
CA PRO B 93 12.39 10.23 -21.16
C PRO B 93 12.55 9.03 -22.08
N LEU B 94 13.61 8.99 -22.88
CA LEU B 94 13.75 7.94 -23.87
C LEU B 94 13.79 6.54 -23.23
N ALA B 95 14.38 6.43 -22.05
CA ALA B 95 14.51 5.15 -21.35
C ALA B 95 13.15 4.56 -21.00
N ASP B 96 12.22 5.41 -20.61
CA ASP B 96 10.87 4.93 -20.36
C ASP B 96 10.24 4.42 -21.66
N VAL B 97 10.45 5.12 -22.77
CA VAL B 97 9.91 4.66 -24.05
C VAL B 97 10.55 3.35 -24.51
N ARG B 98 11.85 3.20 -24.30
CA ARG B 98 12.52 1.92 -24.58
C ARG B 98 11.96 0.78 -23.71
N ALA B 99 11.65 1.08 -22.45
CA ALA B 99 11.05 0.08 -21.56
C ALA B 99 9.70 -0.38 -22.10
N ALA B 100 8.90 0.58 -22.53
CA ALA B 100 7.59 0.29 -23.11
C ALA B 100 7.68 -0.64 -24.32
N MET B 101 8.65 -0.42 -25.21
CA MET B 101 8.71 -1.22 -26.42
C MET B 101 9.14 -2.63 -26.08
N LEU B 102 10.01 -2.76 -25.09
CA LEU B 102 10.39 -4.07 -24.59
C LEU B 102 9.17 -4.81 -24.02
N LEU B 103 8.37 -4.11 -23.24
CA LEU B 103 7.20 -4.72 -22.61
C LEU B 103 6.13 -5.10 -23.65
N ARG B 104 5.81 -4.17 -24.56
CA ARG B 104 4.88 -4.44 -25.63
C ARG B 104 5.25 -5.70 -26.41
N ALA B 105 6.48 -5.74 -26.90
CA ALA B 105 6.96 -6.91 -27.63
C ALA B 105 6.91 -8.15 -26.76
N ASN B 106 7.16 -8.00 -25.46
CA ASN B 106 7.18 -9.17 -24.60
C ASN B 106 5.81 -9.78 -24.47
N SER B 107 4.78 -8.93 -24.47
CA SER B 107 3.41 -9.41 -24.29
C SER B 107 2.90 -10.16 -25.52
N HIS B 108 3.43 -9.83 -26.69
CA HIS B 108 2.98 -10.43 -27.94
C HIS B 108 3.46 -11.87 -28.10
N MET B 109 4.57 -12.20 -27.45
CA MET B 109 5.19 -13.52 -27.63
C MET B 109 4.33 -14.63 -27.05
N ARG B 110 3.32 -14.24 -26.29
CA ARG B 110 2.45 -15.21 -25.66
C ARG B 110 1.53 -15.84 -26.71
N GLY B 111 1.35 -15.13 -27.81
CA GLY B 111 0.65 -15.69 -28.95
C GLY B 111 -0.85 -15.53 -28.90
N ALA B 112 -1.32 -14.54 -28.15
CA ALA B 112 -2.75 -14.34 -27.98
C ALA B 112 -3.25 -13.02 -28.55
N SER B 113 -2.39 -12.30 -29.27
CA SER B 113 -2.72 -10.94 -29.67
C SER B 113 -3.06 -10.80 -31.14
N GLY B 114 -2.76 -11.81 -31.95
CA GLY B 114 -3.08 -11.79 -33.37
C GLY B 114 -2.33 -10.73 -34.14
N ILE B 115 -1.04 -10.57 -33.83
CA ILE B 115 -0.22 -9.56 -34.48
C ILE B 115 0.93 -10.24 -35.21
N ARG B 116 1.28 -9.73 -36.38
CA ARG B 116 2.36 -10.29 -37.19
C ARG B 116 3.72 -10.20 -36.52
N LEU B 117 4.48 -11.27 -36.64
CA LEU B 117 5.84 -11.34 -36.11
C LEU B 117 6.74 -10.20 -36.61
N GLU B 118 6.57 -9.78 -37.86
CA GLU B 118 7.43 -8.72 -38.36
C GLU B 118 7.09 -7.38 -37.69
N LEU B 119 5.88 -7.21 -37.20
CA LEU B 119 5.57 -6.04 -36.39
C LEU B 119 6.31 -6.10 -35.05
N ILE B 120 6.30 -7.27 -34.41
CA ILE B 120 7.02 -7.50 -33.16
C ILE B 120 8.51 -7.30 -33.36
N LYS B 121 9.02 -7.78 -34.48
CA LYS B 121 10.45 -7.69 -34.75
C LYS B 121 10.87 -6.25 -34.94
N ARG B 122 9.93 -5.41 -35.32
CA ARG B 122 10.27 -4.03 -35.55
C ARG B 122 10.57 -3.31 -34.24
N MET B 123 9.99 -3.78 -33.15
CA MET B 123 10.35 -3.23 -31.85
C MET B 123 11.74 -3.70 -31.42
N GLU B 124 12.08 -4.92 -31.82
CA GLU B 124 13.43 -5.42 -31.59
C GLU B 124 14.45 -4.58 -32.35
N ILE B 125 14.16 -4.30 -33.62
CA ILE B 125 15.07 -3.52 -34.43
C ILE B 125 15.23 -2.11 -33.89
N PHE B 126 14.11 -1.43 -33.60
CA PHE B 126 14.17 -0.11 -32.98
C PHE B 126 15.01 -0.11 -31.68
N LEU B 127 14.82 -1.11 -30.85
CA LEU B 127 15.55 -1.18 -29.60
C LEU B 127 17.06 -1.34 -29.82
N ASN B 128 17.44 -2.25 -30.69
CA ASN B 128 18.87 -2.49 -30.89
C ASN B 128 19.51 -1.42 -31.75
N ALA B 129 18.74 -0.72 -32.56
CA ALA B 129 19.31 0.34 -33.38
C ALA B 129 19.33 1.66 -32.63
N GLY B 130 18.61 1.72 -31.52
CA GLY B 130 18.57 2.95 -30.73
C GLY B 130 17.64 3.97 -31.34
N VAL B 131 16.58 3.49 -31.98
CA VAL B 131 15.53 4.37 -32.48
C VAL B 131 14.40 4.44 -31.46
N THR B 132 14.20 5.61 -30.88
CA THR B 132 13.21 5.78 -29.82
C THR B 132 12.13 6.77 -30.22
N PRO B 133 10.89 6.29 -30.42
CA PRO B 133 9.81 7.20 -30.78
C PRO B 133 9.53 8.24 -29.69
N TYR B 134 9.19 9.47 -30.08
CA TYR B 134 8.77 10.48 -29.10
C TYR B 134 7.39 10.15 -28.56
N VAL B 135 7.23 10.22 -27.25
CA VAL B 135 5.96 9.99 -26.57
C VAL B 135 5.67 11.10 -25.57
N TYR B 136 4.43 11.58 -25.54
CA TYR B 136 4.06 12.69 -24.68
C TYR B 136 3.58 12.21 -23.31
N GLU B 137 3.70 13.08 -22.31
CA GLU B 137 3.32 12.77 -20.92
C GLU B 137 1.81 12.82 -20.64
N PHE B 138 1.03 13.50 -21.47
CA PHE B 138 -0.42 13.51 -21.30
C PHE B 138 -1.10 12.68 -22.39
N GLY B 139 -2.12 11.92 -22.00
CA GLY B 139 -3.00 11.31 -22.98
C GLY B 139 -3.61 9.97 -22.58
N SER B 140 -3.14 9.40 -21.47
CA SER B 140 -3.59 8.08 -21.07
C SER B 140 -4.24 8.12 -19.70
N ILE B 141 -5.42 7.51 -19.60
CA ILE B 141 -6.09 7.39 -18.31
C ILE B 141 -5.84 6.00 -17.74
N GLY B 142 -4.85 5.33 -18.30
CA GLY B 142 -4.42 4.05 -17.77
C GLY B 142 -5.43 2.94 -17.97
N1 MDO B 143 -6.19 3.01 -19.06
CA1 MDO B 143 -7.03 1.92 -19.37
C1 MDO B 143 -6.98 1.52 -20.85
CB MDO B 143 -8.43 2.11 -18.83
N2 MDO B 143 -8.17 1.44 -21.56
CA2 MDO B 143 -7.89 1.07 -22.88
C2 MDO B 143 -6.38 0.93 -22.97
O2 MDO B 143 -5.73 0.62 -23.92
CB2 MDO B 143 -8.76 0.87 -23.89
N3 MDO B 143 -5.82 1.21 -21.68
CA3 MDO B 143 -4.36 1.16 -21.54
C3 MDO B 143 -3.86 2.58 -21.79
O3 MDO B 143 -4.83 2.93 -21.11
N ASP B 144 -3.35 3.67 -22.35
CA ASP B 144 -2.05 3.83 -22.99
C ASP B 144 -2.23 3.83 -24.50
N LEU B 145 -3.49 3.84 -24.90
CA LEU B 145 -3.88 4.04 -26.28
C LEU B 145 -3.08 5.18 -26.96
N VAL B 146 -3.13 6.36 -26.38
CA VAL B 146 -2.48 7.52 -26.99
C VAL B 146 -0.94 7.44 -26.98
N PRO B 147 -0.31 7.16 -25.83
CA PRO B 147 1.14 6.94 -25.89
C PRO B 147 1.56 5.84 -26.86
N LEU B 148 0.90 4.68 -26.82
CA LEU B 148 1.28 3.54 -27.64
C LEU B 148 1.08 3.79 -29.11
N SER B 149 0.20 4.71 -29.43
CA SER B 149 -0.06 4.97 -30.81
C SER B 149 1.08 5.79 -31.44
N TYR B 150 1.78 6.57 -30.63
CA TYR B 150 2.95 7.29 -31.15
C TYR B 150 4.06 6.32 -31.46
N ILE B 151 4.18 5.29 -30.64
CA ILE B 151 5.11 4.21 -30.87
C ILE B 151 4.72 3.45 -32.14
N THR B 152 3.43 3.17 -32.29
CA THR B 152 2.94 2.41 -33.42
C THR B 152 3.16 3.16 -34.72
N GLY B 153 2.76 4.42 -34.75
CA GLY B 153 2.92 5.23 -35.95
C GLY B 153 4.39 5.34 -36.36
N SER B 154 5.27 5.37 -35.38
CA SER B 154 6.70 5.43 -35.64
C SER B 154 7.20 4.11 -36.19
N LEU B 155 6.80 3.02 -35.55
CA LEU B 155 7.23 1.69 -35.98
C LEU B 155 6.87 1.41 -37.44
N ILE B 156 5.64 1.70 -37.83
CA ILE B 156 5.17 1.37 -39.17
C ILE B 156 5.46 2.50 -40.17
N GLY B 157 5.97 3.61 -39.66
CA GLY B 157 6.31 4.75 -40.52
C GLY B 157 5.10 5.33 -41.20
N LEU B 158 4.07 5.63 -40.41
CA LEU B 158 2.77 6.04 -40.95
C LEU B 158 2.79 7.43 -41.58
N ASP B 159 3.52 8.36 -41.00
CA ASP B 159 3.44 9.74 -41.42
C ASP B 159 4.66 10.51 -40.95
N PRO B 160 5.06 11.55 -41.69
CA PRO B 160 6.19 12.39 -41.26
C PRO B 160 5.98 13.14 -39.95
N SER B 161 4.75 13.22 -39.45
CA SER B 161 4.50 13.97 -38.22
C SER B 161 4.99 13.20 -36.99
N PHE B 162 5.43 11.97 -37.19
CA PHE B 162 6.07 11.18 -36.13
C PHE B 162 7.52 11.40 -36.00
N LYS B 163 7.93 11.80 -34.81
CA LYS B 163 9.32 12.04 -34.58
C LYS B 163 9.88 10.88 -33.77
N VAL B 164 11.10 10.49 -34.11
CA VAL B 164 11.82 9.55 -33.30
C VAL B 164 13.14 10.16 -32.96
N ASP B 165 13.77 9.62 -31.93
CA ASP B 165 15.16 9.94 -31.64
C ASP B 165 15.95 8.75 -32.12
N PHE B 166 16.85 9.03 -33.04
CA PHE B 166 17.69 8.01 -33.66
C PHE B 166 19.10 8.25 -33.11
N ASN B 167 19.48 7.46 -32.08
CA ASN B 167 20.70 7.65 -31.28
C ASN B 167 21.13 9.11 -31.16
N GLY B 168 20.26 9.98 -30.69
CA GLY B 168 20.64 11.37 -30.54
C GLY B 168 20.07 12.29 -31.61
N LYS B 169 19.79 11.74 -32.79
CA LYS B 169 19.29 12.52 -33.93
C LYS B 169 17.75 12.52 -33.94
N GLU B 170 17.11 13.68 -33.90
CA GLU B 170 15.67 13.73 -34.15
C GLU B 170 15.39 13.52 -35.63
N MET B 171 14.42 12.67 -35.95
CA MET B 171 14.04 12.35 -37.33
C MET B 171 12.55 12.20 -37.42
N ASP B 172 12.00 12.27 -38.62
CA ASP B 172 10.66 11.77 -38.81
C ASP B 172 10.78 10.26 -38.98
N ALA B 173 9.75 9.52 -38.59
CA ALA B 173 9.77 8.07 -38.62
C ALA B 173 10.01 7.47 -40.01
N PRO B 174 9.34 8.00 -41.06
CA PRO B 174 9.57 7.42 -42.39
C PRO B 174 11.04 7.45 -42.80
N THR B 175 11.72 8.54 -42.45
CA THR B 175 13.15 8.69 -42.68
C THR B 175 13.97 7.70 -41.87
N ALA B 176 13.55 7.44 -40.65
CA ALA B 176 14.25 6.47 -39.83
C ALA B 176 14.08 5.10 -40.46
N LEU B 177 12.89 4.81 -40.95
CA LEU B 177 12.65 3.53 -41.63
C LEU B 177 13.59 3.36 -42.84
N ARG B 178 13.73 4.42 -43.63
CA ARG B 178 14.61 4.40 -44.78
C ARG B 178 16.04 4.04 -44.41
N GLN B 179 16.57 4.69 -43.39
CA GLN B 179 17.94 4.44 -42.98
C GLN B 179 18.14 3.05 -42.40
N LEU B 180 17.09 2.48 -41.82
CA LEU B 180 17.17 1.12 -41.30
C LEU B 180 16.92 0.11 -42.42
N ASN B 181 16.64 0.60 -43.63
CA ASN B 181 16.24 -0.23 -44.76
C ASN B 181 15.00 -1.07 -44.45
N LEU B 182 13.95 -0.42 -43.99
CA LEU B 182 12.67 -1.07 -43.73
C LEU B 182 11.56 -0.41 -44.52
N SER B 183 10.58 -1.22 -44.91
CA SER B 183 9.36 -0.71 -45.54
C SER B 183 8.37 -0.22 -44.49
N PRO B 184 7.53 0.75 -44.86
CA PRO B 184 6.38 1.06 -44.03
C PRO B 184 5.50 -0.14 -43.89
N LEU B 185 4.75 -0.25 -42.80
CA LEU B 185 3.78 -1.33 -42.64
C LEU B 185 2.38 -0.76 -42.61
N THR B 186 1.40 -1.53 -43.08
CA THR B 186 -0.01 -1.18 -42.85
C THR B 186 -0.61 -2.22 -41.93
N LEU B 187 -1.32 -1.77 -40.92
CA LEU B 187 -1.93 -2.66 -39.97
C LEU B 187 -3.03 -3.54 -40.59
N LEU B 188 -3.01 -4.82 -40.22
CA LEU B 188 -4.08 -5.76 -40.54
C LEU B 188 -5.14 -5.72 -39.43
N PRO B 189 -6.33 -6.30 -39.67
CA PRO B 189 -7.32 -6.34 -38.59
C PRO B 189 -6.74 -6.76 -37.24
N LYS B 190 -7.18 -6.10 -36.18
CA LYS B 190 -6.80 -6.38 -34.79
C LYS B 190 -5.42 -5.82 -34.40
N GLU B 191 -4.51 -5.68 -35.36
CA GLU B 191 -3.13 -5.30 -35.06
C GLU B 191 -2.98 -3.91 -34.43
N GLY B 192 -3.93 -3.03 -34.70
CA GLY B 192 -3.92 -1.73 -34.07
C GLY B 192 -4.15 -1.89 -32.58
N LEU B 193 -5.18 -2.64 -32.21
CA LEU B 193 -5.45 -2.92 -30.81
C LEU B 193 -4.30 -3.67 -30.20
N ALA B 194 -3.71 -4.59 -30.94
CA ALA B 194 -2.58 -5.36 -30.41
C ALA B 194 -1.44 -4.44 -30.03
N MET B 195 -1.24 -3.39 -30.80
CA MET B 195 -0.22 -2.39 -30.49
C MET B 195 -0.64 -1.36 -29.45
N MET B 196 -1.90 -0.92 -29.47
CA MET B 196 -2.26 0.27 -28.68
C MET B 196 -3.14 0.01 -27.43
N ASN B 197 -3.79 -1.14 -27.36
CA ASN B 197 -4.43 -1.60 -26.13
C ASN B 197 -3.39 -2.12 -25.15
N GLY B 198 -3.35 -1.61 -23.93
CA GLY B 198 -2.51 -2.26 -22.94
C GLY B 198 -1.72 -1.32 -22.06
N THR B 199 -0.93 -1.89 -21.16
CA THR B 199 -0.36 -1.12 -20.06
C THR B 199 1.15 -0.98 -20.16
N SER B 200 1.70 -1.26 -21.34
CA SER B 200 3.14 -1.28 -21.56
C SER B 200 3.87 0.02 -21.24
N VAL B 201 3.28 1.17 -21.52
CA VAL B 201 4.03 2.39 -21.26
C VAL B 201 3.99 2.79 -19.79
N MET B 202 2.83 2.72 -19.17
CA MET B 202 2.75 3.06 -17.77
C MET B 202 3.59 2.06 -16.98
N THR B 203 3.61 0.81 -17.42
CA THR B 203 4.34 -0.20 -16.65
C THR B 203 5.84 -0.04 -16.89
N GLY B 204 6.20 0.49 -18.05
CA GLY B 204 7.59 0.71 -18.39
C GLY B 204 8.13 1.80 -17.50
N ILE B 205 7.34 2.84 -17.32
CA ILE B 205 7.70 3.93 -16.45
C ILE B 205 7.83 3.46 -15.01
N ALA B 206 6.81 2.73 -14.54
CA ALA B 206 6.78 2.22 -13.19
C ALA B 206 7.98 1.34 -12.89
N ALA B 207 8.36 0.51 -13.85
CA ALA B 207 9.50 -0.38 -13.69
C ALA B 207 10.82 0.37 -13.44
N ASN B 208 11.09 1.40 -14.24
CA ASN B 208 12.25 2.23 -14.02
C ASN B 208 12.17 2.96 -12.67
N CYS B 209 10.96 3.34 -12.23
CA CYS B 209 10.80 3.99 -10.96
C CYS B 209 11.13 3.05 -9.81
N VAL B 210 10.65 1.81 -9.89
CA VAL B 210 10.90 0.84 -8.84
C VAL B 210 12.40 0.57 -8.70
N TYR B 211 13.06 0.40 -9.83
CA TYR B 211 14.49 0.15 -9.89
C TYR B 211 15.28 1.29 -9.23
N ASP B 212 14.91 2.53 -9.56
CA ASP B 212 15.58 3.70 -9.02
C ASP B 212 15.30 3.86 -7.53
N THR B 213 14.10 3.48 -7.10
CA THR B 213 13.67 3.65 -5.73
C THR B 213 14.32 2.61 -4.82
N GLN B 214 14.49 1.41 -5.35
CA GLN B 214 15.30 0.40 -4.67
C GLN B 214 16.74 0.87 -4.46
N ILE B 215 17.33 1.49 -5.48
CA ILE B 215 18.67 2.03 -5.32
C ILE B 215 18.70 3.10 -4.23
N LEU B 216 17.76 4.04 -4.28
CA LEU B 216 17.74 5.14 -3.32
C LEU B 216 17.47 4.68 -1.90
N THR B 217 16.77 3.56 -1.74
CA THR B 217 16.52 3.02 -0.42
C THR B 217 17.83 2.49 0.16
N ALA B 218 18.63 1.84 -0.68
CA ALA B 218 19.91 1.34 -0.22
C ALA B 218 20.82 2.50 0.18
N ILE B 219 20.86 3.53 -0.65
CA ILE B 219 21.66 4.70 -0.36
C ILE B 219 21.18 5.37 0.92
N ALA B 220 19.86 5.52 1.04
CA ALA B 220 19.29 6.09 2.26
C ALA B 220 19.71 5.31 3.52
N MET B 221 19.77 3.99 3.42
CA MET B 221 20.25 3.15 4.50
C MET B 221 21.67 3.55 4.86
N GLY B 222 22.51 3.69 3.84
CA GLY B 222 23.87 4.15 4.03
C GLY B 222 23.94 5.52 4.64
N VAL B 223 23.09 6.46 4.18
CA VAL B 223 23.05 7.79 4.78
C VAL B 223 22.72 7.75 6.28
N HIS B 224 21.70 6.99 6.66
CA HIS B 224 21.35 6.82 8.06
C HIS B 224 22.54 6.28 8.87
N ALA B 225 23.26 5.32 8.29
CA ALA B 225 24.43 4.73 8.94
C ALA B 225 25.56 5.75 9.17
N LEU B 226 25.71 6.66 8.20
CA LEU B 226 26.59 7.81 8.37
C LEU B 226 26.09 8.74 9.47
N ASP B 227 24.79 9.04 9.45
CA ASP B 227 24.16 9.93 10.44
C ASP B 227 24.32 9.42 11.86
N ILE B 228 24.11 8.13 12.05
CA ILE B 228 24.22 7.49 13.36
C ILE B 228 25.66 7.57 13.88
N GLN B 229 26.63 7.38 12.98
CA GLN B 229 28.02 7.43 13.38
C GLN B 229 28.40 8.85 13.73
N ALA B 230 27.90 9.80 12.95
CA ALA B 230 28.20 11.21 13.20
C ALA B 230 27.62 11.66 14.53
N LEU B 231 26.46 11.14 14.88
CA LEU B 231 25.74 11.54 16.08
C LEU B 231 26.21 10.79 17.33
N ASN B 232 27.21 9.94 17.18
CA ASN B 232 27.70 9.11 18.27
C ASN B 232 26.57 8.24 18.82
N GLY B 233 25.76 7.71 17.92
CA GLY B 233 24.65 6.85 18.27
C GLY B 233 25.10 5.47 18.66
N THR B 234 24.22 4.71 19.31
CA THR B 234 24.52 3.34 19.67
C THR B 234 23.99 2.37 18.62
N ASN B 235 24.58 1.19 18.56
CA ASN B 235 24.09 0.13 17.68
C ASN B 235 23.16 -0.84 18.41
N GLN B 236 22.89 -0.55 19.68
CA GLN B 236 22.03 -1.42 20.49
C GLN B 236 20.62 -1.52 19.94
N SER B 237 20.11 -0.44 19.37
CA SER B 237 18.74 -0.41 18.85
C SER B 237 18.47 -1.48 17.80
N PHE B 238 19.54 -2.02 17.23
CA PHE B 238 19.43 -2.91 16.08
C PHE B 238 19.71 -4.34 16.46
N HIS B 239 19.89 -4.57 17.76
CA HIS B 239 20.09 -5.91 18.28
C HIS B 239 18.94 -6.85 17.90
N PRO B 240 19.28 -8.00 17.30
CA PRO B 240 18.28 -8.97 16.81
C PRO B 240 17.30 -9.46 17.88
N PHE B 241 17.66 -9.43 19.16
CA PHE B 241 16.68 -9.80 20.18
C PHE B 241 15.44 -8.91 20.14
N ILE B 242 15.65 -7.62 19.88
CA ILE B 242 14.55 -6.67 19.77
C ILE B 242 13.64 -6.97 18.60
N HIS B 243 14.26 -7.15 17.45
CA HIS B 243 13.55 -7.26 16.20
C HIS B 243 13.00 -8.65 15.95
N ASN B 244 13.64 -9.68 16.49
CA ASN B 244 13.05 -11.02 16.44
C ASN B 244 11.72 -11.10 17.20
N SER B 245 11.54 -10.21 18.19
CA SER B 245 10.30 -10.26 18.95
C SER B 245 9.22 -9.34 18.35
N LYS B 246 9.56 -8.66 17.25
CA LYS B 246 8.57 -7.99 16.40
C LYS B 246 8.90 -8.28 14.93
N PRO B 247 8.73 -9.55 14.54
CA PRO B 247 9.41 -10.00 13.32
C PRO B 247 8.72 -9.64 11.99
N HIS B 248 8.47 -8.37 11.75
CA HIS B 248 8.13 -7.95 10.40
C HIS B 248 9.35 -8.13 9.52
N PRO B 249 9.18 -8.75 8.35
CA PRO B 249 10.31 -9.01 7.44
C PRO B 249 11.12 -7.76 7.13
N GLY B 250 10.46 -6.65 6.85
CA GLY B 250 11.17 -5.46 6.46
C GLY B 250 11.92 -4.88 7.64
N GLN B 251 11.35 -5.03 8.83
CA GLN B 251 11.98 -4.52 10.03
C GLN B 251 13.20 -5.35 10.39
N LEU B 252 13.04 -6.67 10.29
CA LEU B 252 14.15 -7.60 10.51
C LEU B 252 15.30 -7.29 9.58
N TRP B 253 14.96 -7.04 8.32
CA TRP B 253 15.93 -6.75 7.29
C TRP B 253 16.63 -5.43 7.53
N ALA B 254 15.86 -4.39 7.90
CA ALA B 254 16.44 -3.08 8.11
C ALA B 254 17.42 -3.08 9.29
N ALA B 255 17.09 -3.83 10.33
CA ALA B 255 17.93 -3.87 11.54
C ALA B 255 19.21 -4.64 11.29
N ASP B 256 19.09 -5.77 10.60
CA ASP B 256 20.23 -6.58 10.23
C ASP B 256 21.16 -5.81 9.28
N GLN B 257 20.58 -5.12 8.31
CA GLN B 257 21.39 -4.34 7.39
C GLN B 257 22.16 -3.24 8.11
N MET B 258 21.49 -2.59 9.05
CA MET B 258 22.12 -1.52 9.82
C MET B 258 23.25 -2.07 10.70
N ILE B 259 23.10 -3.31 11.17
CA ILE B 259 24.18 -3.96 11.91
C ILE B 259 25.40 -4.14 11.01
N SER B 260 25.17 -4.58 9.78
CA SER B 260 26.26 -4.73 8.83
C SER B 260 26.89 -3.39 8.46
N LEU B 261 26.04 -2.39 8.29
CA LEU B 261 26.49 -1.08 7.85
C LEU B 261 27.35 -0.41 8.91
N LEU B 262 27.12 -0.77 10.18
CA LEU B 262 27.80 -0.14 11.31
C LEU B 262 28.93 -0.98 11.92
N ALA B 263 29.09 -2.22 11.47
CA ALA B 263 30.08 -3.12 12.07
C ALA B 263 31.50 -2.57 11.95
N ASN B 264 32.27 -2.63 13.05
CA ASN B 264 33.65 -2.13 13.12
C ASN B 264 33.76 -0.62 13.00
N SER B 265 32.68 0.08 13.27
CA SER B 265 32.77 1.53 13.34
C SER B 265 33.47 1.95 14.63
N GLN B 266 34.34 2.94 14.51
CA GLN B 266 34.99 3.51 15.67
C GLN B 266 34.21 4.73 16.14
N LEU B 267 33.02 4.94 15.60
CA LEU B 267 32.28 6.17 15.87
C LEU B 267 30.96 5.94 16.60
N VAL B 268 30.48 4.71 16.58
CA VAL B 268 29.29 4.39 17.32
C VAL B 268 29.63 3.98 18.74
N ARG B 269 28.66 4.14 19.64
CA ARG B 269 28.70 3.48 20.93
C ARG B 269 28.37 2.02 20.75
N ASP B 270 29.34 1.15 21.03
CA ASP B 270 29.20 -0.28 20.78
C ASP B 270 28.59 -0.99 21.97
N GLU B 271 27.27 -1.00 22.06
CA GLU B 271 26.58 -1.55 23.22
C GLU B 271 25.79 -2.81 22.88
N LEU B 272 26.32 -3.69 22.05
CA LEU B 272 25.56 -4.89 21.71
C LEU B 272 25.61 -5.88 22.88
N ASP B 273 26.54 -5.65 23.80
CA ASP B 273 26.60 -6.36 25.09
C ASP B 273 25.26 -6.28 25.84
N GLY B 274 24.73 -5.06 25.92
CA GLY B 274 23.48 -4.80 26.61
C GLY B 274 23.63 -3.79 27.71
N LYS B 275 24.87 -3.61 28.20
CA LYS B 275 25.15 -2.74 29.33
C LYS B 275 25.82 -1.44 28.85
N HIS B 276 25.62 -0.35 29.60
CA HIS B 276 26.09 0.97 29.21
C HIS B 276 27.43 1.36 29.83
N ASP B 277 28.08 2.37 29.23
CA ASP B 277 28.59 3.53 29.98
C ASP B 277 29.46 4.51 29.19
N TYR B 278 29.51 5.73 29.75
CA TYR B 278 30.20 6.88 29.22
C TYR B 278 31.46 6.62 28.37
N ARG B 279 31.41 7.17 27.17
CA ARG B 279 32.56 7.62 26.39
C ARG B 279 32.07 8.99 25.91
N ASP B 280 31.13 9.52 26.69
CA ASP B 280 30.47 10.81 26.46
C ASP B 280 30.07 11.42 27.81
N HIS B 281 28.76 11.66 27.95
CA HIS B 281 28.13 12.28 29.11
C HIS B 281 28.17 11.42 30.36
N GLU B 282 27.30 10.43 30.29
CA GLU B 282 26.74 9.70 31.40
C GLU B 282 26.14 8.55 30.61
N LEU B 283 24.85 8.37 30.76
CA LEU B 283 24.12 7.48 29.90
C LEU B 283 23.46 8.35 28.85
N ILE B 284 23.42 7.84 27.62
CA ILE B 284 22.83 8.58 26.51
C ILE B 284 21.68 7.77 25.92
N GLN B 285 20.53 8.43 25.76
CA GLN B 285 19.40 7.81 25.10
C GLN B 285 19.19 8.41 23.72
N ASP B 286 19.08 7.57 22.72
CA ASP B 286 18.92 8.05 21.36
C ASP B 286 17.48 8.36 21.07
N ARG B 287 17.26 9.38 20.25
CA ARG B 287 15.93 9.76 19.82
C ARG B 287 15.34 8.75 18.84
N TYR B 288 14.02 8.86 18.64
CA TYR B 288 13.29 7.84 17.87
C TYR B 288 13.78 7.68 16.44
N SER B 289 14.35 8.73 15.85
CA SER B 289 14.76 8.63 14.44
C SER B 289 15.96 7.70 14.24
N LEU B 290 16.69 7.43 15.33
CA LEU B 290 17.74 6.43 15.34
C LEU B 290 17.25 5.11 15.91
N ARG B 291 16.61 5.19 17.06
CA ARG B 291 16.18 4.03 17.86
C ARG B 291 15.06 3.21 17.22
N CYS B 292 14.10 3.91 16.61
CA CYS B 292 12.95 3.30 15.95
C CYS B 292 13.13 3.18 14.42
N LEU B 293 14.38 3.30 13.96
CA LEU B 293 14.66 3.33 12.54
C LEU B 293 14.17 2.05 11.83
N PRO B 294 14.44 0.85 12.39
CA PRO B 294 13.99 -0.30 11.58
C PRO B 294 12.49 -0.49 11.66
N GLN B 295 11.86 -0.01 12.73
CA GLN B 295 10.42 -0.12 12.85
C GLN B 295 9.79 0.81 11.80
N TYR B 296 10.42 1.95 11.59
CA TYR B 296 9.89 2.95 10.66
C TYR B 296 10.12 2.50 9.21
N LEU B 297 11.29 1.98 8.92
CA LEU B 297 11.63 1.64 7.54
C LEU B 297 10.98 0.35 7.07
N GLY B 298 10.67 -0.53 8.01
CA GLY B 298 10.07 -1.82 7.72
C GLY B 298 8.98 -1.85 6.67
N PRO B 299 7.86 -1.16 6.91
CA PRO B 299 6.73 -1.18 5.98
C PRO B 299 7.05 -0.50 4.65
N ILE B 300 8.03 0.40 4.66
CA ILE B 300 8.51 1.03 3.43
C ILE B 300 9.26 0.01 2.59
N VAL B 301 10.21 -0.65 3.23
CA VAL B 301 10.94 -1.75 2.62
C VAL B 301 10.04 -2.87 2.09
N ASP B 302 9.12 -3.34 2.92
CA ASP B 302 8.21 -4.39 2.50
C ASP B 302 7.28 -3.89 1.41
N GLY B 303 6.91 -2.62 1.49
CA GLY B 303 6.01 -2.03 0.53
C GLY B 303 6.63 -1.88 -0.85
N ILE B 304 7.88 -1.41 -0.88
CA ILE B 304 8.59 -1.35 -2.14
C ILE B 304 8.76 -2.75 -2.74
N SER B 305 9.03 -3.72 -1.87
CA SER B 305 9.17 -5.10 -2.33
C SER B 305 7.86 -5.67 -2.91
N GLN B 306 6.72 -5.35 -2.28
CA GLN B 306 5.42 -5.75 -2.77
C GLN B 306 5.12 -5.15 -4.15
N ILE B 307 5.37 -3.86 -4.32
CA ILE B 307 5.20 -3.19 -5.60
C ILE B 307 6.08 -3.83 -6.69
N ALA B 308 7.34 -4.07 -6.34
CA ALA B 308 8.28 -4.73 -7.23
C ALA B 308 7.69 -6.03 -7.79
N LYS B 309 7.15 -6.83 -6.90
CA LYS B 309 6.56 -8.12 -7.26
C LYS B 309 5.32 -7.95 -8.15
N GLN B 310 4.51 -6.94 -7.84
CA GLN B 310 3.32 -6.68 -8.64
C GLN B 310 3.68 -6.17 -10.03
N ILE B 311 4.68 -5.30 -10.10
CA ILE B 311 5.07 -4.72 -11.37
C ILE B 311 5.71 -5.79 -12.27
N GLU B 312 6.44 -6.75 -11.69
CA GLU B 312 7.04 -7.79 -12.52
C GLU B 312 5.97 -8.70 -13.15
N ILE B 313 4.85 -8.89 -12.47
CA ILE B 313 3.75 -9.66 -13.04
C ILE B 313 3.13 -8.87 -14.20
N GLU B 314 2.92 -7.58 -13.98
CA GLU B 314 2.35 -6.71 -14.99
C GLU B 314 3.27 -6.64 -16.22
N ILE B 315 4.58 -6.60 -15.96
CA ILE B 315 5.60 -6.63 -17.00
C ILE B 315 5.45 -7.84 -17.93
N ASN B 316 5.10 -8.98 -17.34
CA ASN B 316 5.04 -10.23 -18.08
C ASN B 316 3.60 -10.66 -18.40
N SER B 317 2.70 -9.68 -18.45
CA SER B 317 1.31 -9.93 -18.68
C SER B 317 0.91 -9.65 -20.12
N VAL B 318 -0.19 -10.25 -20.56
CA VAL B 318 -0.75 -9.92 -21.85
C VAL B 318 -1.83 -8.91 -21.58
N THR B 319 -1.69 -7.71 -22.13
CA THR B 319 -2.60 -6.64 -21.73
C THR B 319 -3.47 -6.04 -22.83
N ASP B 320 -3.39 -6.55 -24.06
CA ASP B 320 -4.26 -6.03 -25.10
C ASP B 320 -5.60 -6.76 -25.11
N ASN B 321 -6.38 -6.61 -26.16
CA ASN B 321 -7.78 -7.01 -26.16
C ASN B 321 -8.41 -6.83 -27.53
N PRO B 322 -9.26 -7.78 -27.96
CA PRO B 322 -9.59 -9.05 -27.33
C PRO B 322 -8.44 -10.05 -27.41
N LEU B 323 -8.47 -11.06 -26.55
CA LEU B 323 -7.45 -12.10 -26.48
C LEU B 323 -7.84 -13.34 -27.29
N ILE B 324 -6.91 -13.83 -28.11
CA ILE B 324 -7.21 -14.94 -28.97
C ILE B 324 -6.74 -16.23 -28.32
N ASP B 325 -7.69 -17.13 -28.11
CA ASP B 325 -7.42 -18.46 -27.58
C ASP B 325 -7.48 -19.46 -28.72
N VAL B 326 -6.34 -19.74 -29.30
CA VAL B 326 -6.26 -20.56 -30.50
C VAL B 326 -6.72 -21.99 -30.24
N ASP B 327 -6.37 -22.54 -29.08
CA ASP B 327 -6.72 -23.93 -28.76
C ASP B 327 -8.22 -24.17 -28.74
N ASN B 328 -9.01 -23.16 -28.40
CA ASN B 328 -10.44 -23.34 -28.39
C ASN B 328 -11.08 -22.57 -29.53
N GLN B 329 -10.23 -22.03 -30.40
CA GLN B 329 -10.65 -21.19 -31.51
C GLN B 329 -11.70 -20.17 -31.06
N ALA B 330 -11.30 -19.26 -30.17
CA ALA B 330 -12.22 -18.22 -29.69
C ALA B 330 -11.48 -16.93 -29.30
N SER B 331 -12.23 -15.85 -29.31
CA SER B 331 -11.81 -14.54 -28.81
C SER B 331 -12.52 -14.24 -27.53
N TYR B 332 -11.86 -13.53 -26.63
CA TYR B 332 -12.56 -13.06 -25.43
C TYR B 332 -12.43 -11.56 -25.30
N HIS B 333 -13.58 -10.93 -25.11
CA HIS B 333 -13.65 -9.51 -24.84
C HIS B 333 -13.45 -9.33 -23.33
N GLY B 334 -12.25 -8.93 -22.94
CA GLY B 334 -11.90 -8.81 -21.53
C GLY B 334 -11.38 -7.42 -21.20
N GLY B 335 -10.65 -7.30 -20.10
CA GLY B 335 -10.18 -6.01 -19.64
C GLY B 335 -8.76 -5.90 -19.09
N ASN B 336 -7.83 -6.63 -19.68
CA ASN B 336 -6.46 -6.66 -19.17
C ASN B 336 -5.67 -5.38 -19.39
N PHE B 337 -6.25 -4.45 -20.13
CA PHE B 337 -5.64 -3.16 -20.37
C PHE B 337 -5.78 -2.21 -19.19
N LEU B 338 -6.58 -2.57 -18.19
CA LEU B 338 -6.68 -1.72 -17.01
C LEU B 338 -5.47 -1.97 -16.11
N GLY B 339 -4.59 -0.96 -16.00
CA GLY B 339 -3.41 -1.09 -15.18
C GLY B 339 -3.56 -0.59 -13.75
N GLN B 340 -4.52 -1.16 -13.03
CA GLN B 340 -4.80 -0.77 -11.67
C GLN B 340 -3.61 -1.02 -10.72
N TYR B 341 -2.84 -2.09 -10.95
CA TYR B 341 -1.70 -2.39 -10.11
C TYR B 341 -0.61 -1.32 -10.22
N VAL B 342 -0.55 -0.67 -11.37
CA VAL B 342 0.40 0.39 -11.66
C VAL B 342 -0.08 1.72 -11.06
N GLY B 343 -1.35 2.05 -11.23
CA GLY B 343 -1.88 3.30 -10.69
C GLY B 343 -1.83 3.31 -9.17
N MET B 344 -2.23 2.19 -8.56
CA MET B 344 -2.18 2.07 -7.12
C MET B 344 -0.76 1.85 -6.59
N GLY B 345 0.04 1.05 -7.30
CA GLY B 345 1.41 0.81 -6.89
C GLY B 345 2.25 2.08 -6.85
N MET B 346 2.03 2.96 -7.81
CA MET B 346 2.79 4.20 -7.89
C MET B 346 2.26 5.21 -6.86
N ASP B 347 0.97 5.15 -6.57
CA ASP B 347 0.44 5.91 -5.44
C ASP B 347 1.18 5.49 -4.18
N HIS B 348 1.33 4.19 -3.96
CA HIS B 348 2.04 3.72 -2.76
C HIS B 348 3.53 4.10 -2.80
N LEU B 349 4.16 4.02 -3.98
CA LEU B 349 5.57 4.33 -4.11
C LEU B 349 5.89 5.77 -3.74
N ARG B 350 5.08 6.70 -4.24
CA ARG B 350 5.31 8.12 -4.01
C ARG B 350 5.15 8.43 -2.52
N TYR B 351 4.12 7.82 -1.94
CA TYR B 351 3.88 7.89 -0.51
C TYR B 351 5.06 7.35 0.30
N TYR B 352 5.64 6.22 -0.11
CA TYR B 352 6.79 5.68 0.62
C TYR B 352 8.02 6.60 0.52
N ILE B 353 8.16 7.26 -0.62
CA ILE B 353 9.34 8.05 -0.88
C ILE B 353 9.30 9.30 -0.03
N GLY B 354 8.11 9.84 0.17
CA GLY B 354 7.93 11.01 1.02
C GLY B 354 8.24 10.69 2.47
N LEU B 355 7.90 9.48 2.90
CA LEU B 355 8.20 9.02 4.25
C LEU B 355 9.69 8.79 4.45
N LEU B 356 10.38 8.31 3.42
CA LEU B 356 11.83 8.15 3.48
C LEU B 356 12.49 9.52 3.63
N ALA B 357 11.99 10.50 2.87
CA ALA B 357 12.62 11.81 2.84
C ALA B 357 12.42 12.54 4.17
N LYS B 358 11.21 12.45 4.69
CA LYS B 358 10.86 13.09 5.95
C LYS B 358 11.71 12.58 7.10
N HIS B 359 11.89 11.26 7.14
CA HIS B 359 12.78 10.64 8.12
C HIS B 359 14.22 11.14 7.99
N LEU B 360 14.74 11.17 6.76
CA LEU B 360 16.10 11.68 6.54
C LEU B 360 16.23 13.11 6.98
N ASP B 361 15.17 13.89 6.78
CA ASP B 361 15.21 15.30 7.09
C ASP B 361 15.31 15.54 8.59
N VAL B 362 14.69 14.67 9.39
CA VAL B 362 14.79 14.89 10.83
C VAL B 362 16.17 14.46 11.34
N GLN B 363 16.86 13.55 10.64
CA GLN B 363 18.25 13.26 10.98
C GLN B 363 19.11 14.48 10.70
N ILE B 364 18.88 15.11 9.55
CA ILE B 364 19.60 16.30 9.21
C ILE B 364 19.38 17.40 10.28
N ALA B 365 18.17 17.48 10.84
CA ALA B 365 17.90 18.44 11.92
C ALA B 365 18.75 18.19 13.19
N LEU B 366 18.85 16.93 13.62
CA LEU B 366 19.76 16.55 14.70
C LEU B 366 21.20 16.98 14.43
N LEU B 367 21.69 16.67 13.24
CA LEU B 367 23.07 16.97 12.83
C LEU B 367 23.39 18.46 12.87
N ALA B 368 22.44 19.27 12.41
CA ALA B 368 22.65 20.70 12.23
C ALA B 368 22.58 21.48 13.55
N SER B 369 21.91 20.90 14.54
CA SER B 369 21.60 21.61 15.78
C SER B 369 22.42 21.11 16.97
N PRO B 370 23.21 22.00 17.57
CA PRO B 370 24.09 21.64 18.70
C PRO B 370 23.33 21.12 19.92
N GLU B 371 22.07 21.50 20.09
CA GLU B 371 21.25 20.94 21.16
C GLU B 371 21.07 19.44 21.02
N PHE B 372 21.17 18.93 19.80
CA PHE B 372 20.80 17.55 19.55
C PHE B 372 21.91 16.76 18.89
N SER B 373 22.99 17.42 18.51
CA SER B 373 23.99 16.74 17.69
C SER B 373 25.03 15.99 18.51
N ASN B 374 24.97 16.13 19.83
CA ASN B 374 25.97 15.56 20.74
C ASN B 374 27.36 16.06 20.42
N GLY B 375 27.53 17.37 20.34
CA GLY B 375 28.86 17.92 20.23
C GLY B 375 29.35 18.30 18.84
N LEU B 376 28.51 18.15 17.83
CA LEU B 376 28.91 18.65 16.52
C LEU B 376 28.74 20.17 16.48
N PRO B 377 29.57 20.85 15.68
CA PRO B 377 29.41 22.31 15.52
C PRO B 377 28.06 22.70 14.89
N PRO B 378 27.62 23.94 15.11
CA PRO B 378 26.34 24.37 14.52
C PRO B 378 26.41 24.36 13.00
N SER B 379 25.35 23.83 12.39
CA SER B 379 25.20 23.74 10.94
C SER B 379 26.38 23.06 10.25
N LEU B 380 27.07 22.20 11.00
CA LEU B 380 28.20 21.42 10.48
C LEU B 380 29.29 22.32 9.91
N LEU B 381 29.39 23.50 10.49
CA LEU B 381 30.45 24.44 10.23
C LEU B 381 31.85 23.81 10.35
N GLY B 382 32.71 24.04 9.36
CA GLY B 382 34.05 23.49 9.38
C GLY B 382 35.08 24.42 10.02
N ASN B 383 35.39 25.52 9.35
CA ASN B 383 36.36 26.45 9.90
C ASN B 383 35.73 27.46 10.85
N ARG B 384 35.81 27.16 12.15
CA ARG B 384 35.19 27.97 13.19
C ARG B 384 35.87 29.33 13.42
N GLU B 385 37.07 29.49 12.87
CA GLU B 385 37.85 30.71 13.08
C GLU B 385 37.43 31.83 12.12
N ARG B 386 36.92 31.46 10.95
CA ARG B 386 36.25 32.43 10.13
C ARG B 386 34.81 32.54 10.62
N LYS B 387 34.53 33.58 11.40
CA LYS B 387 33.26 33.66 12.09
C LYS B 387 32.08 33.92 11.16
N VAL B 388 32.32 34.45 9.96
CA VAL B 388 31.23 34.69 9.04
C VAL B 388 30.77 33.40 8.37
N ASN B 389 31.48 32.30 8.61
CA ASN B 389 31.05 31.00 8.10
C ASN B 389 29.75 30.50 8.75
N MET B 390 28.84 29.97 7.95
CA MET B 390 27.57 29.46 8.47
C MET B 390 27.36 28.01 8.05
N GLY B 391 28.39 27.42 7.44
CA GLY B 391 28.38 26.01 7.11
C GLY B 391 27.27 25.53 6.20
N LEU B 392 26.59 24.48 6.64
CA LEU B 392 25.62 23.81 5.79
C LEU B 392 24.21 24.34 6.02
N LYS B 393 24.12 25.54 6.60
CA LYS B 393 22.83 26.15 6.91
C LYS B 393 21.94 26.33 5.67
N GLY B 394 22.55 26.69 4.55
CA GLY B 394 21.83 26.85 3.31
C GLY B 394 21.44 25.51 2.72
N LEU B 395 22.33 24.54 2.83
CA LEU B 395 22.06 23.17 2.41
C LEU B 395 20.86 22.58 3.15
N GLN B 396 20.75 22.87 4.45
CA GLN B 396 19.61 22.38 5.23
C GLN B 396 18.31 22.99 4.75
N ILE B 397 18.33 24.28 4.48
CA ILE B 397 17.12 24.98 4.05
C ILE B 397 16.64 24.36 2.74
N CYS B 398 17.57 24.15 1.82
CA CYS B 398 17.24 23.50 0.57
C CYS B 398 16.64 22.11 0.80
N GLY B 399 17.22 21.35 1.73
CA GLY B 399 16.63 20.07 2.10
C GLY B 399 15.21 20.27 2.63
N ASN B 400 15.05 21.24 3.51
CA ASN B 400 13.74 21.57 4.05
C ASN B 400 12.71 21.99 3.00
N SER B 401 13.16 22.43 1.82
CA SER B 401 12.20 22.85 0.79
C SER B 401 11.81 21.69 -0.10
N ILE B 402 12.68 20.69 -0.17
CA ILE B 402 12.43 19.57 -1.03
C ILE B 402 11.57 18.49 -0.36
N MET B 403 11.88 18.14 0.87
CA MET B 403 11.17 17.06 1.56
C MET B 403 9.63 17.23 1.59
N PRO B 404 9.11 18.44 1.94
CA PRO B 404 7.65 18.61 1.96
C PRO B 404 7.00 18.40 0.58
N LEU B 405 7.74 18.76 -0.47
CA LEU B 405 7.25 18.58 -1.83
C LEU B 405 7.11 17.09 -2.14
N LEU B 406 7.99 16.28 -1.56
CA LEU B 406 7.93 14.84 -1.73
C LEU B 406 6.76 14.21 -0.99
N THR B 407 6.44 14.69 0.20
CA THR B 407 5.23 14.20 0.87
C THR B 407 3.99 14.69 0.12
N PHE B 408 4.10 15.88 -0.47
CA PHE B 408 3.03 16.39 -1.31
C PHE B 408 2.76 15.43 -2.48
N TYR B 409 3.82 14.95 -3.13
CA TYR B 409 3.63 14.06 -4.28
C TYR B 409 3.18 12.67 -3.82
N GLY B 410 3.25 12.44 -2.52
CA GLY B 410 2.78 11.22 -1.90
C GLY B 410 1.27 11.15 -1.78
N ASN B 411 0.59 12.24 -2.14
CA ASN B 411 -0.86 12.20 -2.37
C ASN B 411 -1.21 11.21 -3.47
N SER B 412 -2.42 10.69 -3.45
CA SER B 412 -2.81 9.64 -4.39
C SER B 412 -3.52 10.21 -5.60
N ILE B 413 -3.50 9.49 -6.73
CA ILE B 413 -4.27 9.94 -7.87
C ILE B 413 -5.24 8.87 -8.38
N ALA B 414 -5.04 7.60 -8.04
CA ALA B 414 -5.92 6.55 -8.57
C ALA B 414 -7.38 6.73 -8.15
N ASP B 415 -7.61 7.30 -6.98
CA ASP B 415 -8.95 7.49 -6.46
C ASP B 415 -9.67 8.67 -7.13
N ARG B 416 -8.94 9.47 -7.89
CA ARG B 416 -9.53 10.63 -8.51
C ARG B 416 -9.87 10.38 -9.97
N PHE B 417 -10.16 9.13 -10.32
CA PHE B 417 -10.49 8.82 -11.72
C PHE B 417 -11.86 9.36 -12.09
N PRO B 418 -11.97 9.88 -13.33
CA PRO B 418 -13.22 10.41 -13.86
C PRO B 418 -14.12 9.28 -14.36
N THR B 419 -15.38 9.29 -13.92
CA THR B 419 -16.29 8.17 -14.18
C THR B 419 -17.04 8.39 -15.47
N HIS B 420 -16.90 9.59 -16.02
CA HIS B 420 -17.50 9.95 -17.30
C HIS B 420 -16.56 9.76 -18.49
N ALA B 421 -15.40 9.13 -18.27
CA ALA B 421 -14.39 9.02 -19.32
C ALA B 421 -14.88 8.28 -20.58
N GLU B 422 -14.50 8.83 -21.74
CA GLU B 422 -14.72 8.21 -23.06
C GLU B 422 -16.14 7.71 -23.27
N GLN B 423 -17.06 8.65 -23.47
CA GLN B 423 -18.47 8.32 -23.72
C GLN B 423 -19.10 7.46 -22.63
N PHE B 424 -18.60 7.59 -21.41
CA PHE B 424 -19.06 6.83 -20.25
C PHE B 424 -18.79 5.34 -20.41
N ASN B 425 -18.01 4.97 -21.40
CA ASN B 425 -17.59 3.58 -21.56
C ASN B 425 -16.54 3.20 -20.52
N GLN B 426 -15.59 4.09 -20.30
CA GLN B 426 -14.50 3.80 -19.39
C GLN B 426 -14.82 4.36 -18.01
N ASN B 427 -15.91 3.88 -17.42
CA ASN B 427 -16.45 4.50 -16.22
C ASN B 427 -15.66 4.13 -14.97
N ILE B 428 -14.75 3.17 -15.09
CA ILE B 428 -13.63 3.10 -14.16
C ILE B 428 -12.35 3.12 -14.98
N ASN B 429 -11.31 3.68 -14.40
CA ASN B 429 -10.01 3.64 -15.01
C ASN B 429 -8.97 3.85 -13.91
N SER B 430 -7.70 3.64 -14.24
CA SER B 430 -6.70 3.49 -13.20
C SER B 430 -5.89 4.75 -12.93
N GLN B 431 -5.89 5.70 -13.87
CA GLN B 431 -5.01 6.85 -13.82
C GLN B 431 -3.55 6.42 -13.69
N GLY B 432 -3.25 5.22 -14.17
CA GLY B 432 -1.95 4.60 -13.97
C GLY B 432 -0.80 5.30 -14.66
N TYR B 433 -1.11 5.98 -15.76
CA TYR B 433 -0.09 6.59 -16.57
C TYR B 433 0.45 7.82 -15.89
N THR B 434 -0.44 8.71 -15.46
CA THR B 434 -0.03 9.94 -14.76
C THR B 434 0.45 9.62 -13.36
N SER B 435 -0.04 8.52 -12.80
CA SER B 435 0.48 8.06 -11.51
C SER B 435 1.96 7.73 -11.66
N ALA B 436 2.28 7.03 -12.74
CA ALA B 436 3.65 6.64 -13.02
C ALA B 436 4.55 7.85 -13.36
N THR B 437 4.04 8.82 -14.10
CA THR B 437 4.89 9.97 -14.44
C THR B 437 5.06 10.85 -13.20
N LEU B 438 4.09 10.85 -12.30
CA LEU B 438 4.27 11.56 -11.04
C LEU B 438 5.32 10.84 -10.20
N ALA B 439 5.33 9.50 -10.24
CA ALA B 439 6.35 8.73 -9.52
C ALA B 439 7.75 9.02 -10.04
N ARG B 440 7.86 9.21 -11.35
CA ARG B 440 9.11 9.58 -11.98
C ARG B 440 9.57 10.93 -11.50
N ARG B 441 8.64 11.86 -11.39
CA ARG B 441 8.92 13.17 -10.84
C ARG B 441 9.35 13.06 -9.38
N SER B 442 8.68 12.20 -8.61
CA SER B 442 9.06 11.93 -7.23
C SER B 442 10.46 11.37 -7.12
N VAL B 443 10.72 10.30 -7.88
CA VAL B 443 12.03 9.66 -7.86
C VAL B 443 13.13 10.65 -8.20
N ASP B 444 12.91 11.46 -9.24
CA ASP B 444 13.91 12.45 -9.66
C ASP B 444 14.20 13.48 -8.60
N ILE B 445 13.17 13.88 -7.87
CA ILE B 445 13.35 14.85 -6.80
C ILE B 445 14.04 14.17 -5.64
N PHE B 446 13.72 12.91 -5.42
CA PHE B 446 14.35 12.16 -4.35
C PHE B 446 15.85 11.95 -4.59
N GLN B 447 16.27 11.82 -5.84
CA GLN B 447 17.70 11.75 -6.13
C GLN B 447 18.43 13.02 -5.68
N ASN B 448 17.83 14.18 -5.92
CA ASN B 448 18.38 15.45 -5.42
C ASN B 448 18.42 15.49 -3.90
N TYR B 449 17.37 14.97 -3.27
CA TYR B 449 17.26 15.04 -1.81
C TYR B 449 18.32 14.16 -1.17
N VAL B 450 18.42 12.94 -1.67
CA VAL B 450 19.40 11.99 -1.17
C VAL B 450 20.81 12.55 -1.34
N ALA B 451 21.07 13.28 -2.43
CA ALA B 451 22.36 13.94 -2.62
C ALA B 451 22.70 14.88 -1.47
N ILE B 452 21.75 15.74 -1.12
CA ILE B 452 21.90 16.62 0.04
C ILE B 452 22.19 15.85 1.31
N ALA B 453 21.41 14.80 1.55
CA ALA B 453 21.54 14.02 2.77
C ALA B 453 22.90 13.32 2.83
N LEU B 454 23.41 12.88 1.68
CA LEU B 454 24.75 12.35 1.61
C LEU B 454 25.78 13.41 1.98
N MET B 455 25.57 14.63 1.53
CA MET B 455 26.52 15.70 1.78
C MET B 455 26.56 16.01 3.26
N PHE B 456 25.39 15.96 3.89
CA PHE B 456 25.29 16.18 5.32
C PHE B 456 26.00 15.07 6.09
N GLY B 457 25.76 13.82 5.73
CA GLY B 457 26.38 12.69 6.41
C GLY B 457 27.91 12.69 6.30
N VAL B 458 28.41 13.03 5.13
CA VAL B 458 29.83 13.03 4.86
C VAL B 458 30.54 14.12 5.66
N GLN B 459 29.98 15.33 5.64
CA GLN B 459 30.54 16.41 6.43
C GLN B 459 30.53 16.03 7.92
N ALA B 460 29.40 15.53 8.38
CA ALA B 460 29.23 15.23 9.80
C ALA B 460 30.23 14.20 10.31
N VAL B 461 30.41 13.08 9.59
CA VAL B 461 31.37 12.09 10.10
C VAL B 461 32.79 12.65 10.15
N ASP B 462 33.13 13.58 9.25
CA ASP B 462 34.43 14.25 9.30
C ASP B 462 34.59 15.04 10.60
N LEU B 463 33.54 15.76 10.97
CA LEU B 463 33.58 16.58 12.18
C LEU B 463 33.55 15.73 13.44
N ARG B 464 32.89 14.59 13.39
CA ARG B 464 32.83 13.69 14.53
C ARG B 464 34.18 13.02 14.73
N THR B 465 34.78 12.63 13.60
CA THR B 465 36.12 12.05 13.59
C THR B 465 37.09 13.02 14.24
N TYR B 466 36.92 14.30 13.91
CA TYR B 466 37.78 15.32 14.45
C TYR B 466 37.58 15.45 15.95
N LYS B 467 36.35 15.54 16.41
CA LYS B 467 36.07 15.50 17.85
C LYS B 467 36.82 14.37 18.51
N LYS B 468 36.78 13.20 17.89
CA LYS B 468 37.32 12.00 18.49
C LYS B 468 38.85 11.91 18.40
N THR B 469 39.41 12.22 17.24
CA THR B 469 40.84 12.04 16.98
C THR B 469 41.53 13.35 16.64
N GLY B 470 42.77 13.29 16.22
CA GLY B 470 43.41 14.49 15.72
C GLY B 470 42.76 15.14 14.49
N HIS B 471 42.18 14.31 13.62
CA HIS B 471 42.04 14.67 12.22
C HIS B 471 40.63 14.59 11.62
N TYR B 472 40.54 15.06 10.37
CA TYR B 472 39.29 15.12 9.64
C TYR B 472 39.10 13.98 8.65
N ASP B 473 40.02 13.03 8.58
CA ASP B 473 39.85 11.96 7.62
C ASP B 473 39.06 10.81 8.25
N ALA B 474 37.81 10.70 7.86
CA ALA B 474 36.90 9.77 8.53
C ALA B 474 37.10 8.32 8.09
N ARG B 475 37.87 8.11 7.04
CA ARG B 475 37.99 6.78 6.43
C ARG B 475 38.38 5.68 7.41
N ALA B 476 39.28 5.99 8.33
CA ALA B 476 39.79 4.99 9.25
C ALA B 476 38.79 4.72 10.36
N SER B 477 38.04 5.75 10.74
CA SER B 477 37.09 5.64 11.84
C SER B 477 35.77 4.99 11.44
N LEU B 478 35.40 5.13 10.18
CA LEU B 478 34.11 4.60 9.71
C LEU B 478 34.12 3.08 9.66
N SER B 479 32.93 2.51 9.76
CA SER B 479 32.74 1.12 9.40
C SER B 479 33.16 0.96 7.95
N PRO B 480 33.77 -0.18 7.61
CA PRO B 480 34.18 -0.39 6.22
C PRO B 480 33.04 -0.22 5.24
N ALA B 481 31.84 -0.63 5.62
CA ALA B 481 30.68 -0.48 4.74
C ALA B 481 30.40 0.99 4.41
N THR B 482 30.43 1.86 5.40
CA THR B 482 30.12 3.25 5.10
C THR B 482 31.32 4.03 4.55
N GLU B 483 32.53 3.47 4.69
CA GLU B 483 33.71 4.07 4.09
C GLU B 483 33.63 4.02 2.59
N ARG B 484 33.05 2.94 2.04
CA ARG B 484 32.90 2.82 0.59
C ARG B 484 32.02 3.93 0.04
N LEU B 485 30.95 4.23 0.76
CA LEU B 485 30.00 5.24 0.36
C LEU B 485 30.58 6.63 0.49
N TYR B 486 31.26 6.86 1.60
CA TYR B 486 31.90 8.13 1.90
C TYR B 486 32.93 8.50 0.83
N SER B 487 33.85 7.58 0.53
CA SER B 487 34.85 7.79 -0.50
C SER B 487 34.22 8.00 -1.88
N ALA B 488 33.18 7.24 -2.17
CA ALA B 488 32.51 7.35 -3.47
C ALA B 488 31.94 8.75 -3.62
N VAL B 489 31.30 9.24 -2.57
CA VAL B 489 30.70 10.58 -2.61
C VAL B 489 31.79 11.64 -2.84
N ARG B 490 32.90 11.52 -2.14
CA ARG B 490 33.93 12.53 -2.23
C ARG B 490 34.76 12.36 -3.50
N HIS B 491 34.77 11.16 -4.06
CA HIS B 491 35.32 11.00 -5.39
C HIS B 491 34.51 11.81 -6.40
N VAL B 492 33.19 11.66 -6.34
CA VAL B 492 32.28 12.31 -7.26
C VAL B 492 32.33 13.84 -7.17
N VAL B 493 32.36 14.39 -5.97
CA VAL B 493 32.36 15.84 -5.84
C VAL B 493 33.76 16.42 -6.01
N GLY B 494 34.77 15.53 -6.00
CA GLY B 494 36.14 15.92 -6.29
C GLY B 494 36.87 16.58 -5.13
N GLN B 495 36.53 16.19 -3.91
CA GLN B 495 37.13 16.78 -2.74
C GLN B 495 37.70 15.63 -1.91
N LYS B 496 39.01 15.46 -1.97
CA LYS B 496 39.67 14.28 -1.39
C LYS B 496 39.75 14.34 0.14
N PRO B 497 39.45 13.23 0.83
CA PRO B 497 39.61 13.22 2.29
C PRO B 497 41.04 13.56 2.66
N THR B 498 41.21 14.29 3.76
CA THR B 498 42.53 14.73 4.17
C THR B 498 42.47 14.94 5.66
N SER B 499 43.57 14.72 6.37
CA SER B 499 43.50 14.73 7.82
C SER B 499 43.43 16.16 8.34
N ASP B 500 43.73 17.13 7.48
CA ASP B 500 43.78 18.52 7.90
C ASP B 500 42.50 19.31 7.65
N ARG B 501 41.67 18.84 6.73
CA ARG B 501 40.45 19.57 6.38
C ARG B 501 39.27 18.64 6.17
N PRO B 502 38.11 19.03 6.68
CA PRO B 502 36.85 18.33 6.42
C PRO B 502 36.37 18.63 5.02
N TYR B 503 35.40 17.86 4.55
CA TYR B 503 34.77 18.03 3.25
C TYR B 503 34.47 19.50 2.95
N ILE B 504 33.81 20.17 3.88
CA ILE B 504 33.51 21.57 3.70
C ILE B 504 34.21 22.40 4.78
N TRP B 505 35.12 23.29 4.38
CA TRP B 505 35.93 24.09 5.32
C TRP B 505 35.41 25.52 5.41
N ASN B 506 35.64 26.32 4.37
CA ASN B 506 35.00 27.64 4.28
C ASN B 506 33.84 27.66 3.29
N ASP B 507 32.87 28.54 3.52
CA ASP B 507 31.72 28.67 2.63
C ASP B 507 32.18 29.19 1.27
N ASN B 508 33.20 30.03 1.34
CA ASN B 508 34.00 30.56 0.23
C ASN B 508 34.36 29.63 -0.93
N GLU B 509 34.57 28.36 -0.61
CA GLU B 509 35.40 27.52 -1.45
C GLU B 509 34.68 26.54 -2.37
N GLN B 510 33.35 26.50 -2.30
CA GLN B 510 32.59 25.61 -3.18
C GLN B 510 31.27 26.24 -3.53
N GLY B 511 30.70 25.80 -4.64
CA GLY B 511 29.28 25.93 -4.85
C GLY B 511 28.68 24.60 -4.44
N LEU B 512 27.95 24.56 -3.34
CA LEU B 512 27.31 23.34 -2.91
C LEU B 512 26.30 22.84 -3.95
N ASP B 513 25.68 23.77 -4.68
CA ASP B 513 24.74 23.40 -5.75
C ASP B 513 25.39 22.48 -6.76
N GLU B 514 26.69 22.69 -6.96
CA GLU B 514 27.43 21.90 -7.92
C GLU B 514 27.64 20.49 -7.40
N HIS B 515 27.83 20.36 -6.08
CA HIS B 515 27.99 19.03 -5.47
C HIS B 515 26.72 18.21 -5.52
N ILE B 516 25.59 18.85 -5.20
CA ILE B 516 24.30 18.19 -5.30
C ILE B 516 24.09 17.61 -6.70
N ALA B 517 24.33 18.45 -7.70
CA ALA B 517 24.10 18.08 -9.09
C ALA B 517 24.98 16.92 -9.51
N ARG B 518 26.23 16.95 -9.07
CA ARG B 518 27.16 15.88 -9.38
C ARG B 518 26.80 14.57 -8.71
N ILE B 519 26.36 14.64 -7.45
CA ILE B 519 25.98 13.43 -6.74
C ILE B 519 24.70 12.86 -7.34
N SER B 520 23.74 13.73 -7.66
CA SER B 520 22.49 13.25 -8.26
C SER B 520 22.72 12.59 -9.61
N ALA B 521 23.57 13.21 -10.43
CA ALA B 521 23.89 12.67 -11.75
C ALA B 521 24.51 11.29 -11.63
N ASP B 522 25.45 11.15 -10.69
CA ASP B 522 26.09 9.87 -10.43
C ASP B 522 25.10 8.80 -9.96
N ILE B 523 24.17 9.19 -9.10
CA ILE B 523 23.17 8.25 -8.64
C ILE B 523 22.30 7.80 -9.83
N ALA B 524 21.96 8.75 -10.71
CA ALA B 524 21.12 8.46 -11.86
C ALA B 524 21.84 7.58 -12.86
N ALA B 525 23.14 7.76 -12.99
CA ALA B 525 23.91 7.03 -14.00
C ALA B 525 24.36 5.65 -13.52
N GLY B 526 24.04 5.31 -12.27
CA GLY B 526 24.49 4.06 -11.70
C GLY B 526 25.99 4.05 -11.41
N GLY B 527 26.52 5.20 -11.02
CA GLY B 527 27.94 5.37 -10.78
C GLY B 527 28.46 4.79 -9.46
N VAL B 528 29.60 5.31 -8.99
CA VAL B 528 30.29 4.72 -7.86
C VAL B 528 29.48 4.79 -6.56
N ILE B 529 28.58 5.76 -6.44
CA ILE B 529 27.80 5.84 -5.23
C ILE B 529 26.80 4.70 -5.20
N VAL B 530 26.26 4.37 -6.36
CA VAL B 530 25.34 3.24 -6.46
C VAL B 530 26.09 1.95 -6.21
N GLN B 531 27.31 1.87 -6.73
CA GLN B 531 28.12 0.67 -6.57
C GLN B 531 28.60 0.43 -5.14
N ALA B 532 28.71 1.51 -4.36
CA ALA B 532 29.12 1.39 -2.96
C ALA B 532 28.05 0.71 -2.10
N VAL B 533 26.78 0.83 -2.47
CA VAL B 533 25.73 0.22 -1.68
C VAL B 533 25.15 -1.01 -2.37
N GLN B 534 25.87 -1.53 -3.35
CA GLN B 534 25.46 -2.72 -4.10
C GLN B 534 25.13 -3.91 -3.17
N ASP B 535 25.81 -4.01 -2.04
CA ASP B 535 25.67 -5.15 -1.12
C ASP B 535 24.28 -5.28 -0.51
N ILE B 536 23.56 -4.16 -0.44
CA ILE B 536 22.27 -4.13 0.23
C ILE B 536 21.13 -4.68 -0.66
N LEU B 537 21.38 -5.83 -1.30
CA LEU B 537 20.39 -6.52 -2.17
C LEU B 537 19.78 -5.55 -3.15
C1 HCI C . -12.75 -1.10 -25.32
O1 HCI C . -12.35 -2.27 -25.05
O2 HCI C . -13.81 -0.65 -24.77
C2 HCI C . -11.94 -0.29 -26.32
C3 HCI C . -11.90 1.15 -25.91
C1' HCI C . -11.17 1.95 -26.97
C2' HCI C . -11.41 3.32 -27.08
C3' HCI C . -10.76 4.05 -28.05
C4' HCI C . -9.87 3.40 -28.91
C5' HCI C . -9.64 2.03 -28.80
C6' HCI C . -10.29 1.30 -27.82
C1 HCI D . 11.17 6.33 25.22
O1 HCI D . 12.06 6.99 24.63
O2 HCI D . 11.34 5.09 25.41
C2 HCI D . 9.90 7.02 25.68
C3 HCI D . 9.29 6.31 26.85
C1' HCI D . 8.19 7.18 27.42
C2' HCI D . 7.43 6.73 28.49
C3' HCI D . 6.43 7.53 29.00
C4' HCI D . 6.19 8.78 28.45
C5' HCI D . 6.94 9.23 27.39
C6' HCI D . 7.95 8.42 26.88
#